data_4KAT
#
_entry.id   4KAT
#
_cell.length_a   53.680
_cell.length_b   115.740
_cell.length_c   140.460
_cell.angle_alpha   90.00
_cell.angle_beta   90.00
_cell.angle_gamma   90.00
#
_symmetry.space_group_name_H-M   'P 21 21 21'
#
loop_
_entity.id
_entity.type
_entity.pdbx_description
1 polymer 'Thymidylate synthase'
2 non-polymer "2'-DEOXYURIDINE-5'-MONOPHOSPHATE"
3 non-polymer 'DIHYDROFLAVINE-ADENINE DINUCLEOTIDE'
4 water water
#
_entity_poly.entity_id   1
_entity_poly.type   'polypeptide(L)'
_entity_poly.pdbx_seq_one_letter_code
;MGSDKIHHHHHHMKIDILDKGFVELVDVMGNDLSAVRAARVSFDMGLKDEERDRHLIEYLMKHGHETPFEHIVFTFHVKA
PIFVARQWFRHRIASYNELSGRYSKLSYEFYIPSPERLEGYKTTIPPERVTEKISEIVDKAYRTYLELIESGVPREVARI
VLPLNLYTRFFWTVNARSLMNFLNLKADSHAQWEIQQYALAIARIFKEKCPWTFEAFLKYAYKGDILKEVQV
;
_entity_poly.pdbx_strand_id   A,B,C,D
#
loop_
_chem_comp.id
_chem_comp.type
_chem_comp.name
_chem_comp.formula
DU DNA linking 2'-DEOXYURIDINE-5'-MONOPHOSPHATE 'C9 H13 N2 O8 P'
FDA non-polymer 'DIHYDROFLAVINE-ADENINE DINUCLEOTIDE' 'C27 H35 N9 O15 P2'
#
# COMPACT_ATOMS: atom_id res chain seq x y z
N HIS A 11 -11.51 -20.94 -14.46
CA HIS A 11 -10.70 -21.02 -13.21
C HIS A 11 -11.58 -21.37 -12.04
N HIS A 12 -11.29 -22.53 -11.45
CA HIS A 12 -11.89 -22.93 -10.19
C HIS A 12 -11.15 -24.09 -9.56
N MET A 13 -10.91 -23.98 -8.26
CA MET A 13 -10.29 -25.05 -7.51
C MET A 13 -10.75 -24.94 -6.08
N LYS A 14 -10.66 -26.04 -5.34
CA LYS A 14 -11.06 -26.02 -3.95
C LYS A 14 -10.29 -27.07 -3.19
N ILE A 15 -9.70 -26.65 -2.07
CA ILE A 15 -8.98 -27.53 -1.20
C ILE A 15 -9.58 -27.41 0.22
N ASP A 16 -9.99 -28.55 0.77
CA ASP A 16 -10.40 -28.66 2.17
C ASP A 16 -9.22 -28.69 3.11
N ILE A 17 -9.36 -27.96 4.23
CA ILE A 17 -8.29 -27.73 5.20
C ILE A 17 -8.88 -27.88 6.61
N LEU A 18 -8.12 -28.51 7.51
CA LEU A 18 -8.61 -28.78 8.87
C LEU A 18 -9.95 -29.53 8.81
N ASP A 19 -10.76 -29.50 9.85
CA ASP A 19 -12.04 -30.26 9.81
C ASP A 19 -13.12 -29.68 8.86
N LYS A 20 -13.21 -28.37 8.73
CA LYS A 20 -14.34 -27.76 7.98
C LYS A 20 -13.94 -26.49 7.15
N GLY A 21 -12.64 -26.19 7.06
CA GLY A 21 -12.14 -24.99 6.36
C GLY A 21 -11.90 -25.31 4.92
N PHE A 22 -11.56 -24.31 4.12
CA PHE A 22 -11.25 -24.54 2.71
C PHE A 22 -10.58 -23.34 2.16
N VAL A 23 -9.91 -23.55 1.04
CA VAL A 23 -9.41 -22.50 0.19
C VAL A 23 -9.98 -22.81 -1.19
N GLU A 24 -10.72 -21.87 -1.73
CA GLU A 24 -11.30 -21.98 -3.06
C GLU A 24 -10.78 -20.82 -3.90
N LEU A 25 -10.26 -21.16 -5.08
CA LEU A 25 -9.91 -20.20 -6.11
C LEU A 25 -11.21 -19.70 -6.85
N VAL A 26 -11.48 -18.40 -6.77
CA VAL A 26 -12.69 -17.81 -7.38
C VAL A 26 -12.36 -17.21 -8.77
N ASP A 27 -11.24 -16.52 -8.89
CA ASP A 27 -10.82 -15.97 -10.17
C ASP A 27 -9.28 -15.81 -10.20
N VAL A 28 -8.75 -15.52 -11.39
CA VAL A 28 -7.34 -15.26 -11.60
C VAL A 28 -7.23 -14.32 -12.78
N MET A 29 -6.33 -13.36 -12.72
CA MET A 29 -5.97 -12.65 -13.90
C MET A 29 -4.51 -12.96 -14.28
N GLY A 30 -4.31 -13.35 -15.51
CA GLY A 30 -2.98 -13.41 -16.05
C GLY A 30 -2.35 -14.77 -15.77
N ASN A 31 -1.09 -14.91 -16.14
CA ASN A 31 -0.44 -16.21 -15.99
C ASN A 31 1.04 -15.91 -16.08
N ASP A 32 1.89 -16.94 -16.20
CA ASP A 32 3.35 -16.73 -16.26
C ASP A 32 3.73 -15.70 -17.31
N LEU A 33 3.05 -15.73 -18.46
CA LEU A 33 3.38 -14.80 -19.56
C LEU A 33 3.04 -13.34 -19.24
N SER A 34 2.13 -13.12 -18.29
CA SER A 34 1.82 -11.75 -17.83
C SER A 34 3.05 -11.06 -17.25
N ALA A 35 3.83 -11.82 -16.49
CA ALA A 35 5.05 -11.32 -15.89
C ALA A 35 6.12 -11.10 -16.95
N VAL A 36 6.17 -12.01 -17.91
CA VAL A 36 7.15 -11.95 -19.00
C VAL A 36 6.90 -10.71 -19.82
N ARG A 37 5.65 -10.45 -20.18
CA ARG A 37 5.28 -9.24 -20.93
C ARG A 37 5.67 -7.99 -20.17
N ALA A 38 5.20 -7.88 -18.92
CA ALA A 38 5.45 -6.70 -18.10
C ALA A 38 6.95 -6.45 -17.91
N ALA A 39 7.73 -7.52 -17.73
CA ALA A 39 9.17 -7.33 -17.61
C ALA A 39 9.73 -6.84 -18.94
N ARG A 40 9.27 -7.45 -20.03
CA ARG A 40 9.82 -7.16 -21.34
C ARG A 40 9.74 -5.69 -21.76
N VAL A 41 8.68 -4.99 -21.33
CA VAL A 41 8.46 -3.60 -21.71
C VAL A 41 9.71 -2.74 -21.39
N SER A 42 10.39 -3.05 -20.29
CA SER A 42 11.68 -2.41 -19.98
C SER A 42 12.61 -2.30 -21.16
N PHE A 43 12.66 -3.35 -21.98
CA PHE A 43 13.63 -3.37 -23.10
C PHE A 43 12.94 -3.00 -24.42
N ASP A 44 11.70 -2.54 -24.30
CA ASP A 44 10.82 -2.27 -25.43
C ASP A 44 10.43 -3.52 -26.25
N MET A 45 10.42 -4.69 -25.58
CA MET A 45 10.12 -6.00 -26.18
C MET A 45 8.77 -6.58 -25.65
N GLY A 46 8.24 -7.60 -26.32
CA GLY A 46 7.06 -8.32 -25.81
C GLY A 46 7.40 -9.78 -25.56
N LEU A 47 6.42 -10.65 -25.79
CA LEU A 47 6.69 -12.07 -25.70
C LEU A 47 7.72 -12.48 -26.74
N LYS A 48 8.58 -13.43 -26.40
CA LYS A 48 9.41 -14.09 -27.41
C LYS A 48 8.95 -15.55 -27.64
N ASP A 49 9.74 -16.52 -27.23
CA ASP A 49 9.41 -17.94 -27.38
C ASP A 49 9.41 -18.62 -26.02
N GLU A 50 8.95 -19.86 -25.98
CA GLU A 50 8.85 -20.58 -24.71
C GLU A 50 10.14 -20.73 -23.91
N GLU A 51 11.23 -21.16 -24.57
CA GLU A 51 12.50 -21.35 -23.86
C GLU A 51 12.98 -20.03 -23.25
N ARG A 52 12.96 -18.97 -24.08
CA ARG A 52 13.50 -17.67 -23.68
C ARG A 52 12.62 -17.02 -22.60
N ASP A 53 11.31 -17.15 -22.76
CA ASP A 53 10.40 -16.61 -21.78
C ASP A 53 10.45 -17.35 -20.44
N ARG A 54 10.54 -18.67 -20.48
CA ARG A 54 10.70 -19.44 -19.24
C ARG A 54 12.03 -19.05 -18.60
N HIS A 55 13.04 -18.80 -19.44
CA HIS A 55 14.39 -18.48 -18.94
C HIS A 55 14.32 -17.13 -18.21
N LEU A 56 13.50 -16.24 -18.76
CA LEU A 56 13.34 -14.88 -18.21
C LEU A 56 12.64 -14.93 -16.83
N ILE A 57 11.60 -15.74 -16.71
CA ILE A 57 10.92 -15.90 -15.43
C ILE A 57 11.91 -16.29 -14.36
N GLU A 58 12.78 -17.25 -14.67
CA GLU A 58 13.83 -17.68 -13.72
C GLU A 58 14.81 -16.58 -13.45
N TYR A 59 15.20 -15.87 -14.50
CA TYR A 59 16.09 -14.74 -14.37
C TYR A 59 15.55 -13.67 -13.39
N LEU A 60 14.26 -13.34 -13.54
CA LEU A 60 13.59 -12.33 -12.72
C LEU A 60 13.62 -12.77 -11.24
N MET A 61 13.24 -14.03 -11.03
CA MET A 61 13.19 -14.64 -9.72
C MET A 61 14.55 -14.66 -9.02
N LYS A 62 15.62 -15.03 -9.73
CA LYS A 62 17.01 -15.04 -9.20
C LYS A 62 17.53 -13.67 -8.79
N HIS A 63 17.22 -12.63 -9.55
CA HIS A 63 17.78 -11.34 -9.24
C HIS A 63 16.85 -10.52 -8.41
N GLY A 64 15.79 -11.14 -7.91
CA GLY A 64 14.81 -10.41 -7.08
C GLY A 64 14.07 -9.29 -7.80
N HIS A 65 13.87 -9.42 -9.12
CA HIS A 65 13.04 -8.47 -9.88
C HIS A 65 11.59 -8.95 -9.74
N GLU A 66 10.92 -8.49 -8.70
CA GLU A 66 9.62 -8.99 -8.28
C GLU A 66 8.40 -8.23 -8.84
N THR A 67 8.59 -6.97 -9.25
CA THR A 67 7.44 -6.18 -9.76
C THR A 67 6.64 -6.83 -10.90
N PRO A 68 7.32 -7.51 -11.84
CA PRO A 68 6.53 -8.08 -12.95
C PRO A 68 5.49 -9.12 -12.53
N PHE A 69 5.68 -9.73 -11.36
CA PHE A 69 4.78 -10.74 -10.88
C PHE A 69 3.56 -10.11 -10.25
N GLU A 70 3.58 -8.79 -10.06
CA GLU A 70 2.42 -8.07 -9.52
C GLU A 70 1.24 -8.04 -10.50
N HIS A 71 1.50 -8.39 -11.75
CA HIS A 71 0.45 -8.32 -12.75
C HIS A 71 -0.33 -9.62 -12.81
N ILE A 72 0.07 -10.58 -11.95
CA ILE A 72 -0.67 -11.84 -11.83
C ILE A 72 -1.52 -11.69 -10.58
N VAL A 73 -2.82 -11.92 -10.70
CA VAL A 73 -3.71 -11.60 -9.59
C VAL A 73 -4.71 -12.74 -9.35
N PHE A 74 -4.94 -13.07 -8.07
CA PHE A 74 -5.82 -14.19 -7.68
C PHE A 74 -6.90 -13.63 -6.77
N THR A 75 -8.08 -14.24 -6.84
CA THR A 75 -9.07 -14.11 -5.80
C THR A 75 -9.37 -15.45 -5.19
N PHE A 76 -9.20 -15.52 -3.87
CA PHE A 76 -9.61 -16.67 -3.07
C PHE A 76 -10.82 -16.42 -2.21
N HIS A 77 -11.51 -17.50 -1.88
CA HIS A 77 -12.64 -17.51 -0.95
C HIS A 77 -12.20 -18.55 0.10
N VAL A 78 -11.97 -18.06 1.32
CA VAL A 78 -11.32 -18.90 2.33
C VAL A 78 -12.27 -19.06 3.51
N LYS A 79 -12.36 -20.28 3.98
CA LYS A 79 -13.02 -20.53 5.26
C LYS A 79 -12.00 -20.93 6.35
N ALA A 80 -11.89 -20.15 7.41
CA ALA A 80 -10.82 -20.40 8.40
C ALA A 80 -11.22 -19.93 9.79
N PRO A 81 -10.61 -20.55 10.80
CA PRO A 81 -10.87 -20.13 12.18
C PRO A 81 -10.30 -18.72 12.37
N ILE A 82 -10.88 -17.97 13.27
CA ILE A 82 -10.38 -16.61 13.51
C ILE A 82 -8.90 -16.55 13.90
N PHE A 83 -8.38 -17.44 14.76
CA PHE A 83 -6.96 -17.27 15.09
C PHE A 83 -6.05 -17.35 13.86
N VAL A 84 -6.45 -18.13 12.85
CA VAL A 84 -5.71 -18.22 11.57
C VAL A 84 -5.96 -16.95 10.75
N ALA A 85 -7.25 -16.55 10.65
CA ALA A 85 -7.58 -15.34 9.85
C ALA A 85 -6.79 -14.15 10.37
N ARG A 86 -6.65 -14.03 11.68
CA ARG A 86 -5.94 -12.90 12.26
C ARG A 86 -4.45 -12.84 11.85
N GLN A 87 -3.79 -14.01 11.79
CA GLN A 87 -2.42 -14.09 11.27
C GLN A 87 -2.39 -13.73 9.78
N TRP A 88 -3.33 -14.29 9.02
CA TRP A 88 -3.48 -14.03 7.59
C TRP A 88 -3.70 -12.56 7.27
N PHE A 89 -4.59 -11.89 8.01
CA PHE A 89 -5.00 -10.51 7.62
C PHE A 89 -3.91 -9.48 7.93
N ARG A 90 -2.85 -9.90 8.61
CA ARG A 90 -1.69 -9.01 8.79
C ARG A 90 -0.99 -8.68 7.48
N HIS A 91 -1.31 -9.40 6.42
CA HIS A 91 -0.76 -9.15 5.11
C HIS A 91 -1.53 -8.04 4.43
N ARG A 92 -0.89 -6.86 4.41
CA ARG A 92 -1.54 -5.61 4.17
C ARG A 92 -1.68 -5.34 2.69
N ILE A 93 -0.79 -5.92 1.91
CA ILE A 93 -0.78 -5.70 0.47
C ILE A 93 -1.67 -6.76 -0.18
N ALA A 94 -2.98 -6.53 0.00
CA ALA A 94 -4.00 -7.46 -0.46
C ALA A 94 -5.34 -6.84 -0.10
N SER A 95 -6.40 -7.46 -0.58
CA SER A 95 -7.79 -6.94 -0.40
C SER A 95 -8.63 -8.03 0.29
N TYR A 96 -9.46 -7.64 1.26
CA TYR A 96 -10.29 -8.59 2.00
C TYR A 96 -11.76 -8.15 2.10
N ASN A 97 -12.69 -9.10 2.09
CA ASN A 97 -14.01 -8.88 2.65
C ASN A 97 -14.37 -10.12 3.43
N GLU A 98 -14.91 -9.93 4.62
CA GLU A 98 -15.09 -11.00 5.60
C GLU A 98 -16.49 -11.02 6.20
N LEU A 99 -17.00 -12.23 6.41
CA LEU A 99 -18.15 -12.48 7.28
C LEU A 99 -18.20 -11.54 8.47
N SER A 100 -19.36 -10.93 8.75
CA SER A 100 -19.47 -9.98 9.87
C SER A 100 -20.26 -10.55 11.03
N GLY A 101 -19.59 -10.59 12.19
CA GLY A 101 -20.26 -10.96 13.45
C GLY A 101 -21.23 -9.89 13.95
N ARG A 102 -21.08 -8.66 13.46
CA ARG A 102 -22.00 -7.61 13.84
C ARG A 102 -23.34 -7.79 13.15
N TYR A 103 -23.32 -8.37 11.94
CA TYR A 103 -24.45 -8.27 10.99
C TYR A 103 -25.08 -9.58 10.69
N SER A 104 -24.36 -10.67 10.91
CA SER A 104 -24.94 -11.97 10.67
C SER A 104 -24.94 -12.83 11.93
N LYS A 105 -25.83 -13.80 11.96
CA LYS A 105 -25.90 -14.74 13.05
C LYS A 105 -25.01 -15.91 12.67
N LEU A 106 -24.01 -16.17 13.50
CA LEU A 106 -22.94 -17.10 13.20
C LEU A 106 -23.36 -18.57 13.39
N SER A 107 -22.92 -19.41 12.48
CA SER A 107 -23.27 -20.80 12.52
C SER A 107 -22.37 -21.49 13.52
N TYR A 108 -22.82 -22.65 14.00
CA TYR A 108 -22.07 -23.50 14.92
C TYR A 108 -20.98 -24.15 14.07
N GLU A 109 -19.88 -23.45 13.79
CA GLU A 109 -18.74 -24.10 13.14
C GLU A 109 -17.45 -23.69 13.79
N PHE A 110 -16.75 -24.66 14.38
CA PHE A 110 -15.54 -24.39 15.15
C PHE A 110 -14.47 -25.37 14.74
N TYR A 111 -13.22 -24.92 14.75
CA TYR A 111 -12.14 -25.88 14.45
C TYR A 111 -11.87 -26.69 15.70
N ILE A 112 -12.17 -27.98 15.63
CA ILE A 112 -11.78 -28.91 16.70
C ILE A 112 -10.53 -29.71 16.30
N PRO A 113 -9.39 -29.48 16.94
CA PRO A 113 -8.23 -30.26 16.53
C PRO A 113 -8.38 -31.75 16.82
N SER A 114 -7.94 -32.58 15.90
CA SER A 114 -7.97 -34.02 16.10
C SER A 114 -6.88 -34.39 17.11
N PRO A 115 -7.04 -35.52 17.80
CA PRO A 115 -6.02 -36.06 18.74
C PRO A 115 -4.57 -36.05 18.19
N GLU A 116 -4.42 -36.33 16.90
CA GLU A 116 -3.10 -36.30 16.23
C GLU A 116 -2.40 -34.94 16.19
N ARG A 117 -3.15 -33.84 16.31
CA ARG A 117 -2.56 -32.51 16.42
C ARG A 117 -1.55 -32.41 17.59
N LEU A 118 -1.67 -33.33 18.55
CA LEU A 118 -0.83 -33.32 19.76
C LEU A 118 0.35 -34.30 19.73
N GLU A 119 0.59 -34.92 18.56
CA GLU A 119 1.74 -35.80 18.34
C GLU A 119 3.03 -35.20 18.85
N GLY A 120 3.79 -36.00 19.57
CA GLY A 120 5.10 -35.60 20.04
C GLY A 120 5.01 -34.71 21.25
N TYR A 121 3.82 -34.52 21.78
CA TYR A 121 3.67 -33.79 23.02
C TYR A 121 3.34 -34.81 24.03
N LYS A 122 3.99 -34.74 25.16
CA LYS A 122 3.67 -35.60 26.27
C LYS A 122 2.58 -34.79 26.98
N THR A 123 1.37 -35.32 27.02
CA THR A 123 0.29 -34.68 27.79
C THR A 123 -0.25 -35.59 28.91
N THR A 124 -0.55 -34.95 30.02
CA THR A 124 -1.26 -35.45 31.19
C THR A 124 -2.57 -36.20 30.94
N ILE A 125 -3.38 -35.74 30.02
CA ILE A 125 -4.58 -36.47 29.68
C ILE A 125 -4.47 -36.94 28.24
N PRO A 126 -5.17 -38.02 27.89
CA PRO A 126 -5.09 -38.51 26.51
C PRO A 126 -5.51 -37.44 25.49
N PRO A 127 -4.86 -37.43 24.32
CA PRO A 127 -5.15 -36.41 23.30
C PRO A 127 -6.65 -36.27 23.03
N GLU A 128 -7.35 -37.41 22.97
CA GLU A 128 -8.79 -37.45 22.77
C GLU A 128 -9.54 -36.63 23.80
N ARG A 129 -9.02 -36.57 25.03
CA ARG A 129 -9.68 -35.78 26.09
C ARG A 129 -9.50 -34.31 25.84
N VAL A 130 -8.31 -33.95 25.38
CA VAL A 130 -8.06 -32.56 24.98
C VAL A 130 -9.07 -32.12 23.90
N THR A 131 -9.23 -32.94 22.88
CA THR A 131 -10.18 -32.69 21.80
C THR A 131 -11.59 -32.48 22.38
N GLU A 132 -11.99 -33.38 23.28
CA GLU A 132 -13.32 -33.34 23.85
C GLU A 132 -13.46 -32.16 24.80
N LYS A 133 -12.39 -31.82 25.54
CA LYS A 133 -12.42 -30.63 26.39
C LYS A 133 -12.62 -29.37 25.53
N ILE A 134 -11.93 -29.30 24.37
CA ILE A 134 -12.08 -28.19 23.47
C ILE A 134 -13.53 -28.09 22.94
N SER A 135 -14.11 -29.23 22.54
CA SER A 135 -15.53 -29.30 22.12
C SER A 135 -16.51 -28.80 23.14
N GLU A 136 -16.28 -29.17 24.39
CA GLU A 136 -17.18 -28.82 25.46
C GLU A 136 -17.20 -27.33 25.66
N ILE A 137 -16.01 -26.74 25.75
CA ILE A 137 -15.98 -25.31 26.01
C ILE A 137 -16.63 -24.53 24.85
N VAL A 138 -16.31 -24.93 23.62
CA VAL A 138 -16.93 -24.44 22.39
C VAL A 138 -18.47 -24.54 22.37
N ASP A 139 -18.98 -25.72 22.71
CA ASP A 139 -20.39 -25.92 22.80
C ASP A 139 -21.03 -24.96 23.79
N LYS A 140 -20.37 -24.82 24.95
CA LYS A 140 -20.90 -23.98 26.01
C LYS A 140 -20.93 -22.52 25.57
N ALA A 141 -19.83 -22.04 24.97
CA ALA A 141 -19.71 -20.66 24.53
C ALA A 141 -20.77 -20.37 23.46
N TYR A 142 -20.95 -21.32 22.55
CA TYR A 142 -21.91 -21.14 21.48
C TYR A 142 -23.38 -21.07 21.97
N ARG A 143 -23.74 -21.95 22.89
CA ARG A 143 -25.10 -21.91 23.41
CA ARG A 143 -25.09 -21.94 23.47
C ARG A 143 -25.33 -20.62 24.21
N THR A 144 -24.31 -20.11 24.90
CA THR A 144 -24.47 -18.82 25.55
C THR A 144 -24.76 -17.70 24.54
N TYR A 145 -23.97 -17.69 23.46
CA TYR A 145 -24.20 -16.75 22.37
C TYR A 145 -25.63 -16.82 21.82
N LEU A 146 -26.13 -18.02 21.55
CA LEU A 146 -27.52 -18.20 21.11
C LEU A 146 -28.54 -17.64 22.11
N GLU A 147 -28.35 -17.90 23.40
CA GLU A 147 -29.31 -17.39 24.36
C GLU A 147 -29.23 -15.90 24.51
N LEU A 148 -28.03 -15.35 24.43
CA LEU A 148 -27.91 -13.90 24.40
C LEU A 148 -28.66 -13.39 23.17
N ILE A 149 -28.39 -13.96 21.98
CA ILE A 149 -29.08 -13.49 20.79
C ILE A 149 -30.61 -13.54 21.01
N GLU A 150 -31.12 -14.68 21.51
CA GLU A 150 -32.55 -14.86 21.74
C GLU A 150 -33.19 -13.94 22.77
N SER A 151 -32.41 -13.38 23.67
CA SER A 151 -32.91 -12.44 24.64
C SER A 151 -32.94 -11.01 24.12
N GLY A 152 -32.58 -10.81 22.88
CA GLY A 152 -32.52 -9.47 22.29
C GLY A 152 -31.16 -8.78 22.44
N VAL A 153 -30.12 -9.46 22.92
CA VAL A 153 -28.77 -8.84 22.92
C VAL A 153 -28.31 -8.63 21.46
N PRO A 154 -27.82 -7.43 21.10
CA PRO A 154 -27.28 -7.30 19.73
C PRO A 154 -26.14 -8.30 19.41
N ARG A 155 -26.09 -8.74 18.15
CA ARG A 155 -25.14 -9.77 17.73
C ARG A 155 -23.70 -9.32 18.00
N GLU A 156 -23.43 -8.03 17.78
CA GLU A 156 -22.09 -7.48 17.95
C GLU A 156 -21.58 -7.58 19.38
N VAL A 157 -22.51 -7.64 20.34
CA VAL A 157 -22.17 -7.87 21.73
C VAL A 157 -22.15 -9.37 22.01
N ALA A 158 -23.21 -10.06 21.58
CA ALA A 158 -23.37 -11.45 21.90
C ALA A 158 -22.14 -12.26 21.46
N ARG A 159 -21.55 -11.90 20.33
CA ARG A 159 -20.49 -12.72 19.71
C ARG A 159 -19.20 -12.68 20.50
N ILE A 160 -19.10 -11.79 21.50
CA ILE A 160 -17.84 -11.57 22.14
C ILE A 160 -17.44 -12.74 23.01
N VAL A 161 -18.40 -13.62 23.28
CA VAL A 161 -18.15 -14.81 24.07
C VAL A 161 -17.68 -15.96 23.20
N LEU A 162 -17.73 -15.77 21.88
CA LEU A 162 -17.33 -16.86 21.01
C LEU A 162 -15.78 -17.05 21.00
N PRO A 163 -15.32 -18.29 21.01
CA PRO A 163 -13.87 -18.53 21.00
C PRO A 163 -13.14 -18.33 19.62
N LEU A 164 -11.81 -18.18 19.69
CA LEU A 164 -10.94 -17.97 18.53
C LEU A 164 -10.96 -19.09 17.51
N ASN A 165 -11.43 -20.26 17.90
CA ASN A 165 -11.55 -21.27 16.87
C ASN A 165 -12.83 -21.25 16.03
N LEU A 166 -13.70 -20.23 16.20
CA LEU A 166 -14.89 -20.06 15.33
C LEU A 166 -14.43 -19.89 13.90
N TYR A 167 -15.08 -20.58 12.98
CA TYR A 167 -14.84 -20.31 11.56
C TYR A 167 -15.43 -19.03 11.03
N THR A 168 -14.61 -18.36 10.24
CA THR A 168 -15.01 -17.20 9.54
C THR A 168 -14.82 -17.46 8.05
N ARG A 169 -15.44 -16.63 7.20
CA ARG A 169 -15.23 -16.69 5.75
C ARG A 169 -14.78 -15.35 5.21
N PHE A 170 -13.96 -15.35 4.17
CA PHE A 170 -13.51 -14.10 3.57
C PHE A 170 -13.12 -14.32 2.13
N PHE A 171 -13.08 -13.23 1.37
CA PHE A 171 -12.51 -13.18 0.03
C PHE A 171 -11.15 -12.49 0.15
N TRP A 172 -10.19 -12.93 -0.64
CA TRP A 172 -8.83 -12.44 -0.57
C TRP A 172 -8.36 -12.30 -2.00
N THR A 173 -8.02 -11.07 -2.37
CA THR A 173 -7.50 -10.80 -3.70
C THR A 173 -6.10 -10.31 -3.48
N VAL A 174 -5.18 -10.88 -4.24
CA VAL A 174 -3.73 -10.82 -3.89
C VAL A 174 -2.95 -11.11 -5.19
N ASN A 175 -1.93 -10.32 -5.44
CA ASN A 175 -1.19 -10.50 -6.64
C ASN A 175 -0.04 -11.51 -6.31
N ALA A 176 0.68 -11.98 -7.33
CA ALA A 176 1.62 -13.12 -7.17
C ALA A 176 2.79 -12.75 -6.27
N ARG A 177 3.26 -11.51 -6.38
CA ARG A 177 4.33 -11.09 -5.55
C ARG A 177 3.97 -11.13 -4.07
N SER A 178 2.82 -10.56 -3.75
CA SER A 178 2.38 -10.54 -2.37
C SER A 178 2.08 -11.97 -1.88
N LEU A 179 1.55 -12.80 -2.77
CA LEU A 179 1.31 -14.19 -2.49
C LEU A 179 2.62 -14.94 -2.18
N MET A 180 3.71 -14.63 -2.90
CA MET A 180 5.03 -15.23 -2.58
C MET A 180 5.56 -14.81 -1.20
N ASN A 181 5.25 -13.57 -0.82
CA ASN A 181 5.62 -13.05 0.48
C ASN A 181 4.86 -13.82 1.56
N PHE A 182 3.57 -14.02 1.33
CA PHE A 182 2.74 -14.85 2.20
C PHE A 182 3.32 -16.28 2.34
N LEU A 183 3.68 -16.90 1.23
CA LEU A 183 4.20 -18.27 1.28
C LEU A 183 5.52 -18.31 2.08
N ASN A 184 6.40 -17.33 1.90
CA ASN A 184 7.67 -17.31 2.63
C ASN A 184 7.51 -17.32 4.12
N LEU A 185 6.44 -16.66 4.57
CA LEU A 185 6.22 -16.51 5.99
C LEU A 185 5.32 -17.55 6.57
N LYS A 186 4.26 -17.96 5.84
CA LYS A 186 3.28 -18.93 6.37
C LYS A 186 3.59 -20.40 6.00
N ALA A 187 4.25 -20.62 4.87
CA ALA A 187 4.59 -22.00 4.50
C ALA A 187 5.94 -22.33 5.15
N ASP A 188 5.94 -22.34 6.46
CA ASP A 188 7.22 -22.41 7.15
C ASP A 188 6.96 -23.07 8.48
N SER A 189 7.88 -23.95 8.87
CA SER A 189 7.73 -24.72 10.08
C SER A 189 7.71 -23.88 11.39
N HIS A 190 8.27 -22.66 11.39
CA HIS A 190 8.13 -21.75 12.54
C HIS A 190 6.69 -21.16 12.60
N ALA A 191 5.93 -21.22 11.52
CA ALA A 191 4.54 -20.76 11.58
C ALA A 191 3.72 -21.89 12.19
N GLN A 192 2.59 -21.51 12.77
CA GLN A 192 1.68 -22.42 13.43
C GLN A 192 1.15 -23.44 12.41
N TRP A 193 1.07 -24.69 12.83
CA TRP A 193 0.62 -25.76 11.94
C TRP A 193 -0.66 -25.46 11.16
N GLU A 194 -1.64 -24.87 11.84
CA GLU A 194 -2.95 -24.65 11.21
C GLU A 194 -2.82 -23.75 9.96
N ILE A 195 -2.04 -22.67 10.07
CA ILE A 195 -1.87 -21.79 8.93
C ILE A 195 -0.93 -22.38 7.87
N GLN A 196 0.06 -23.18 8.32
CA GLN A 196 0.92 -23.89 7.36
C GLN A 196 0.05 -24.67 6.42
N GLN A 197 -1.01 -25.28 6.96
CA GLN A 197 -1.94 -26.07 6.13
C GLN A 197 -2.63 -25.21 5.06
N TYR A 198 -3.06 -24.00 5.43
CA TYR A 198 -3.73 -23.08 4.46
C TYR A 198 -2.68 -22.63 3.39
N ALA A 199 -1.47 -22.32 3.86
CA ALA A 199 -0.37 -21.95 2.92
C ALA A 199 -0.06 -23.04 1.91
N LEU A 200 -0.07 -24.30 2.34
CA LEU A 200 0.09 -25.45 1.42
C LEU A 200 -0.99 -25.41 0.36
N ALA A 201 -2.23 -25.17 0.76
CA ALA A 201 -3.33 -25.07 -0.20
C ALA A 201 -3.11 -23.88 -1.15
N ILE A 202 -2.65 -22.76 -0.60
CA ILE A 202 -2.39 -21.59 -1.43
C ILE A 202 -1.30 -21.88 -2.46
N ALA A 203 -0.19 -22.50 -2.01
CA ALA A 203 0.92 -22.85 -2.89
C ALA A 203 0.47 -23.79 -4.01
N ARG A 204 -0.35 -24.75 -3.63
CA ARG A 204 -0.86 -25.75 -4.57
C ARG A 204 -1.65 -25.10 -5.72
N ILE A 205 -2.49 -24.12 -5.41
CA ILE A 205 -3.25 -23.42 -6.44
C ILE A 205 -2.30 -22.52 -7.26
N PHE A 206 -1.38 -21.85 -6.58
CA PHE A 206 -0.38 -21.03 -7.26
C PHE A 206 0.46 -21.89 -8.23
N LYS A 207 0.87 -23.08 -7.78
CA LYS A 207 1.59 -23.99 -8.68
C LYS A 207 0.75 -24.30 -9.95
N GLU A 208 -0.52 -24.60 -9.72
CA GLU A 208 -1.42 -24.98 -10.80
C GLU A 208 -1.55 -23.88 -11.86
N LYS A 209 -1.72 -22.63 -11.44
CA LYS A 209 -1.97 -21.52 -12.38
C LYS A 209 -0.75 -20.80 -12.96
N CYS A 210 0.39 -20.93 -12.28
CA CYS A 210 1.62 -20.27 -12.65
C CYS A 210 2.76 -21.25 -12.47
N PRO A 211 2.72 -22.35 -13.24
CA PRO A 211 3.75 -23.39 -13.09
C PRO A 211 5.16 -22.81 -13.14
N TRP A 212 5.47 -21.88 -14.07
CA TRP A 212 6.86 -21.41 -14.21
C TRP A 212 7.30 -20.53 -13.05
N THR A 213 6.42 -19.60 -12.70
CA THR A 213 6.69 -18.73 -11.58
C THR A 213 6.90 -19.53 -10.34
N PHE A 214 6.05 -20.53 -10.16
CA PHE A 214 6.08 -21.27 -8.94
C PHE A 214 7.38 -22.05 -8.84
N GLU A 215 7.70 -22.82 -9.88
CA GLU A 215 8.98 -23.56 -9.88
C GLU A 215 10.14 -22.62 -9.62
N ALA A 216 10.08 -21.43 -10.23
CA ALA A 216 11.18 -20.50 -10.15
C ALA A 216 11.31 -20.02 -8.73
N PHE A 217 10.17 -19.67 -8.14
CA PHE A 217 10.07 -19.27 -6.74
C PHE A 217 10.70 -20.33 -5.81
N LEU A 218 10.24 -21.60 -5.89
CA LEU A 218 10.83 -22.68 -5.07
C LEU A 218 12.35 -22.78 -5.19
N LYS A 219 12.83 -22.81 -6.41
CA LYS A 219 14.25 -22.94 -6.66
C LYS A 219 15.09 -21.74 -6.23
N TYR A 220 14.62 -20.52 -6.48
CA TYR A 220 15.54 -19.39 -6.28
C TYR A 220 15.22 -18.43 -5.16
N ALA A 221 13.98 -18.43 -4.67
CA ALA A 221 13.60 -17.33 -3.80
C ALA A 221 12.89 -17.75 -2.53
N TYR A 222 12.12 -18.84 -2.61
CA TYR A 222 11.30 -19.27 -1.49
C TYR A 222 12.14 -19.53 -0.27
N LYS A 223 11.77 -18.89 0.86
CA LYS A 223 12.57 -18.90 2.09
C LYS A 223 12.17 -19.94 3.15
N GLY A 224 10.96 -20.47 3.08
CA GLY A 224 10.51 -21.44 4.08
C GLY A 224 11.14 -22.79 3.92
N ASP A 225 10.53 -23.82 4.52
CA ASP A 225 11.03 -25.19 4.45
C ASP A 225 9.97 -26.23 4.07
N ILE A 226 8.69 -25.95 4.28
CA ILE A 226 7.67 -27.00 4.15
C ILE A 226 7.30 -27.33 2.72
N LEU A 227 7.62 -26.46 1.76
CA LEU A 227 7.16 -26.68 0.39
C LEU A 227 8.04 -27.64 -0.43
N LYS A 228 9.22 -27.97 0.07
CA LYS A 228 10.05 -29.04 -0.50
C LYS A 228 9.67 -30.47 -0.07
N HIS B 12 -7.79 -6.44 -28.59
CA HIS B 12 -7.81 -5.72 -27.27
C HIS B 12 -8.31 -4.29 -27.43
N MET B 13 -9.28 -3.91 -26.61
CA MET B 13 -9.76 -2.54 -26.54
C MET B 13 -8.59 -1.55 -26.49
N LYS B 14 -8.39 -0.77 -27.55
CA LYS B 14 -7.28 0.17 -27.64
C LYS B 14 -7.73 1.51 -28.17
N ILE B 15 -7.48 2.55 -27.39
CA ILE B 15 -8.02 3.88 -27.69
C ILE B 15 -6.83 4.82 -27.89
N ASP B 16 -6.86 5.61 -28.96
CA ASP B 16 -5.75 6.53 -29.26
C ASP B 16 -5.94 7.82 -28.54
N ILE B 17 -4.85 8.34 -28.00
CA ILE B 17 -4.87 9.56 -27.15
C ILE B 17 -3.77 10.48 -27.62
N LEU B 18 -4.04 11.80 -27.65
CA LEU B 18 -3.09 12.80 -28.18
C LEU B 18 -2.63 12.35 -29.59
N ASP B 19 -1.44 12.74 -30.03
CA ASP B 19 -0.99 12.42 -31.39
C ASP B 19 -0.41 11.01 -31.58
N LYS B 20 0.13 10.42 -30.52
CA LYS B 20 0.74 9.09 -30.66
C LYS B 20 0.45 8.20 -29.46
N GLY B 21 -0.33 8.74 -28.52
CA GLY B 21 -0.73 8.09 -27.28
C GLY B 21 -1.75 6.98 -27.46
N PHE B 22 -1.80 6.09 -26.49
CA PHE B 22 -2.89 5.12 -26.40
C PHE B 22 -3.08 4.56 -25.01
N VAL B 23 -4.28 4.05 -24.76
CA VAL B 23 -4.57 3.28 -23.57
C VAL B 23 -5.17 2.00 -24.14
N GLU B 24 -4.66 0.88 -23.72
CA GLU B 24 -5.11 -0.40 -24.24
C GLU B 24 -5.40 -1.37 -23.07
N LEU B 25 -6.63 -1.88 -23.00
CA LEU B 25 -6.98 -2.95 -22.06
C LEU B 25 -6.26 -4.28 -22.36
N VAL B 26 -5.42 -4.75 -21.46
CA VAL B 26 -4.65 -5.98 -21.66
C VAL B 26 -5.37 -7.15 -20.99
N ASP B 27 -5.91 -6.90 -19.80
CA ASP B 27 -6.58 -7.99 -19.07
C ASP B 27 -7.52 -7.46 -18.03
N VAL B 28 -8.41 -8.32 -17.57
CA VAL B 28 -9.32 -7.91 -16.55
C VAL B 28 -9.77 -9.11 -15.76
N MET B 29 -9.84 -8.97 -14.44
CA MET B 29 -10.38 -9.99 -13.58
C MET B 29 -11.64 -9.46 -12.93
N GLY B 30 -12.71 -10.22 -13.06
CA GLY B 30 -13.89 -10.00 -12.25
C GLY B 30 -14.81 -9.06 -13.00
N ASN B 31 -15.95 -8.76 -12.40
CA ASN B 31 -16.92 -7.88 -13.02
C ASN B 31 -17.79 -7.27 -11.91
N ASP B 32 -18.87 -6.57 -12.27
CA ASP B 32 -19.79 -6.03 -11.27
C ASP B 32 -20.16 -7.03 -10.18
N LEU B 33 -20.38 -8.28 -10.56
CA LEU B 33 -20.81 -9.32 -9.63
C LEU B 33 -19.69 -9.77 -8.66
N SER B 34 -18.44 -9.48 -9.02
CA SER B 34 -17.31 -9.72 -8.10
C SER B 34 -17.49 -8.86 -6.87
N ALA B 35 -17.81 -7.58 -7.06
CA ALA B 35 -18.05 -6.71 -5.90
C ALA B 35 -19.29 -7.15 -5.09
N VAL B 36 -20.35 -7.58 -5.78
CA VAL B 36 -21.57 -8.11 -5.14
C VAL B 36 -21.23 -9.30 -4.27
N ARG B 37 -20.51 -10.27 -4.83
CA ARG B 37 -20.04 -11.46 -4.08
C ARG B 37 -19.27 -11.09 -2.83
N ALA B 38 -18.30 -10.17 -2.95
CA ALA B 38 -17.44 -9.77 -1.81
C ALA B 38 -18.26 -9.10 -0.76
N ALA B 39 -19.21 -8.28 -1.18
CA ALA B 39 -19.96 -7.54 -0.20
C ALA B 39 -20.91 -8.51 0.52
N ARG B 40 -21.46 -9.45 -0.22
CA ARG B 40 -22.47 -10.31 0.39
C ARG B 40 -21.93 -11.18 1.52
N VAL B 41 -20.65 -11.56 1.45
CA VAL B 41 -20.01 -12.38 2.47
C VAL B 41 -20.18 -11.80 3.89
N SER B 42 -20.18 -10.45 4.03
CA SER B 42 -20.46 -9.83 5.33
C SER B 42 -21.75 -10.33 5.99
N PHE B 43 -22.77 -10.62 5.18
CA PHE B 43 -24.08 -11.03 5.70
C PHE B 43 -24.23 -12.52 5.56
N ASP B 44 -23.10 -13.22 5.41
CA ASP B 44 -23.09 -14.66 5.18
C ASP B 44 -23.85 -15.08 3.92
N MET B 45 -23.83 -14.24 2.90
CA MET B 45 -24.63 -14.46 1.70
C MET B 45 -23.73 -14.42 0.46
N GLY B 46 -24.29 -14.86 -0.66
CA GLY B 46 -23.68 -14.78 -1.98
C GLY B 46 -24.51 -13.92 -2.92
N LEU B 47 -24.48 -14.24 -4.22
CA LEU B 47 -25.30 -13.55 -5.23
C LEU B 47 -26.80 -13.85 -5.06
N LYS B 48 -27.65 -12.90 -5.51
CA LYS B 48 -29.13 -13.05 -5.48
C LYS B 48 -29.67 -13.13 -6.90
N ASP B 49 -29.95 -11.96 -7.48
CA ASP B 49 -30.37 -11.85 -8.87
C ASP B 49 -30.10 -10.44 -9.42
N GLU B 50 -30.27 -10.30 -10.73
CA GLU B 50 -30.04 -9.06 -11.46
C GLU B 50 -30.38 -7.78 -10.70
N GLU B 51 -31.67 -7.51 -10.49
CA GLU B 51 -32.10 -6.26 -9.88
C GLU B 51 -31.69 -6.08 -8.40
N ARG B 52 -31.45 -7.21 -7.71
CA ARG B 52 -30.97 -7.23 -6.32
C ARG B 52 -29.49 -6.84 -6.25
N ASP B 53 -28.71 -7.50 -7.08
CA ASP B 53 -27.27 -7.30 -7.15
C ASP B 53 -26.88 -5.91 -7.67
N ARG B 54 -27.59 -5.41 -8.70
CA ARG B 54 -27.36 -4.04 -9.18
C ARG B 54 -27.69 -3.05 -8.08
N HIS B 55 -28.73 -3.34 -7.30
CA HIS B 55 -29.08 -2.41 -6.24
C HIS B 55 -28.06 -2.36 -5.09
N LEU B 56 -27.49 -3.50 -4.73
CA LEU B 56 -26.35 -3.50 -3.80
C LEU B 56 -25.18 -2.64 -4.35
N ILE B 57 -24.85 -2.78 -5.62
CA ILE B 57 -23.75 -1.94 -6.17
C ILE B 57 -24.05 -0.47 -5.81
N GLU B 58 -25.29 -0.03 -6.06
CA GLU B 58 -25.63 1.37 -5.87
C GLU B 58 -25.52 1.71 -4.42
N TYR B 59 -26.05 0.78 -3.62
CA TYR B 59 -26.04 0.92 -2.20
C TYR B 59 -24.62 1.04 -1.64
N LEU B 60 -23.69 0.22 -2.16
CA LEU B 60 -22.28 0.26 -1.68
C LEU B 60 -21.65 1.63 -1.94
N MET B 61 -21.92 2.16 -3.13
CA MET B 61 -21.34 3.40 -3.59
C MET B 61 -21.93 4.61 -2.82
N LYS B 62 -23.25 4.58 -2.60
CA LYS B 62 -23.96 5.64 -1.88
C LYS B 62 -23.49 5.72 -0.44
N HIS B 63 -23.17 4.58 0.18
CA HIS B 63 -22.76 4.61 1.59
C HIS B 63 -21.25 4.55 1.81
N GLY B 64 -20.47 4.61 0.75
CA GLY B 64 -19.02 4.64 0.92
C GLY B 64 -18.36 3.30 1.27
N HIS B 65 -18.96 2.17 0.92
CA HIS B 65 -18.37 0.84 1.10
C HIS B 65 -17.51 0.52 -0.11
N GLU B 66 -16.23 0.82 -0.02
CA GLU B 66 -15.39 0.79 -1.22
C GLU B 66 -14.65 -0.51 -1.35
N THR B 67 -14.34 -1.16 -0.23
CA THR B 67 -13.44 -2.33 -0.31
C THR B 67 -13.95 -3.44 -1.26
N PRO B 68 -15.30 -3.62 -1.40
CA PRO B 68 -15.78 -4.70 -2.32
C PRO B 68 -15.31 -4.49 -3.75
N PHE B 69 -15.03 -3.24 -4.12
CA PHE B 69 -14.55 -2.97 -5.49
C PHE B 69 -13.07 -3.29 -5.70
N GLU B 70 -12.33 -3.56 -4.63
CA GLU B 70 -10.92 -4.03 -4.78
C GLU B 70 -10.77 -5.36 -5.53
N HIS B 71 -11.81 -6.19 -5.53
CA HIS B 71 -11.79 -7.52 -6.21
C HIS B 71 -12.01 -7.51 -7.69
N ILE B 72 -12.13 -6.32 -8.26
CA ILE B 72 -12.18 -6.17 -9.68
C ILE B 72 -10.87 -5.57 -10.10
N VAL B 73 -10.20 -6.18 -11.05
CA VAL B 73 -8.83 -5.74 -11.36
C VAL B 73 -8.60 -5.62 -12.87
N PHE B 74 -7.86 -4.60 -13.28
CA PHE B 74 -7.60 -4.33 -14.71
C PHE B 74 -6.12 -4.26 -14.91
N THR B 75 -5.64 -4.67 -16.08
CA THR B 75 -4.27 -4.36 -16.56
C THR B 75 -4.36 -3.58 -17.87
N PHE B 76 -3.74 -2.40 -17.90
CA PHE B 76 -3.70 -1.58 -19.11
C PHE B 76 -2.27 -1.49 -19.60
N HIS B 77 -2.13 -1.21 -20.89
CA HIS B 77 -0.87 -0.90 -21.59
C HIS B 77 -1.05 0.53 -22.10
N VAL B 78 -0.20 1.43 -21.62
CA VAL B 78 -0.42 2.86 -21.84
C VAL B 78 0.81 3.44 -22.47
N LYS B 79 0.58 4.24 -23.49
CA LYS B 79 1.63 5.05 -24.10
C LYS B 79 1.31 6.51 -23.87
N ALA B 80 2.29 7.19 -23.30
CA ALA B 80 1.99 8.54 -22.82
C ALA B 80 3.28 9.32 -22.63
N PRO B 81 3.20 10.67 -22.68
CA PRO B 81 4.36 11.54 -22.51
C PRO B 81 4.87 11.41 -21.09
N ILE B 82 6.18 11.56 -20.89
CA ILE B 82 6.73 11.41 -19.54
C ILE B 82 6.08 12.41 -18.56
N PHE B 83 5.85 13.68 -18.95
CA PHE B 83 5.21 14.56 -17.97
C PHE B 83 3.85 13.98 -17.56
N VAL B 84 3.20 13.20 -18.41
CA VAL B 84 1.91 12.56 -18.04
C VAL B 84 2.10 11.34 -17.09
N ALA B 85 2.98 10.43 -17.50
CA ALA B 85 3.39 9.28 -16.67
C ALA B 85 3.79 9.71 -15.28
N ARG B 86 4.49 10.83 -15.16
CA ARG B 86 4.95 11.27 -13.85
C ARG B 86 3.82 11.61 -12.93
N GLN B 87 2.81 12.32 -13.45
CA GLN B 87 1.60 12.57 -12.66
C GLN B 87 0.86 11.24 -12.38
N TRP B 88 0.77 10.40 -13.38
CA TRP B 88 0.05 9.12 -13.23
C TRP B 88 0.66 8.24 -12.14
N PHE B 89 2.01 8.12 -12.16
CA PHE B 89 2.75 7.16 -11.31
C PHE B 89 2.70 7.58 -9.83
N ARG B 90 2.24 8.80 -9.57
CA ARG B 90 1.98 9.20 -8.21
C ARG B 90 0.95 8.33 -7.51
N HIS B 91 0.20 7.54 -8.28
CA HIS B 91 -0.85 6.68 -7.70
C HIS B 91 -0.24 5.37 -7.23
N ARG B 92 -0.01 5.28 -5.92
CA ARG B 92 0.86 4.26 -5.33
C ARG B 92 0.15 2.91 -5.16
N ILE B 93 -1.19 2.91 -5.08
CA ILE B 93 -1.95 1.64 -4.87
C ILE B 93 -2.30 1.06 -6.22
N ALA B 94 -1.25 0.60 -6.89
CA ALA B 94 -1.27 0.13 -8.26
C ALA B 94 0.10 -0.51 -8.55
N SER B 95 0.16 -1.24 -9.66
CA SER B 95 1.43 -1.88 -10.12
C SER B 95 1.85 -1.36 -11.50
N TYR B 96 3.11 -1.00 -11.65
CA TYR B 96 3.63 -0.45 -12.89
C TYR B 96 4.85 -1.23 -13.37
N ASN B 97 4.98 -1.38 -14.67
CA ASN B 97 6.28 -1.66 -15.32
C ASN B 97 6.44 -0.81 -16.56
N GLU B 98 7.60 -0.15 -16.67
CA GLU B 98 7.78 0.88 -17.68
C GLU B 98 8.99 0.65 -18.55
N LEU B 99 8.88 1.05 -19.82
CA LEU B 99 10.03 1.20 -20.74
C LEU B 99 11.23 1.90 -20.05
N SER B 100 12.43 1.38 -20.24
CA SER B 100 13.62 1.98 -19.60
C SER B 100 14.47 2.74 -20.61
N GLY B 101 14.86 3.96 -20.25
CA GLY B 101 15.79 4.72 -21.04
C GLY B 101 17.21 4.34 -20.68
N ARG B 102 17.37 3.56 -19.61
CA ARG B 102 18.68 2.96 -19.33
C ARG B 102 18.91 1.80 -20.29
N TYR B 103 17.92 0.94 -20.49
CA TYR B 103 18.15 -0.29 -21.22
C TYR B 103 17.79 -0.25 -22.69
N SER B 104 16.97 0.72 -23.11
CA SER B 104 16.54 0.80 -24.52
C SER B 104 17.04 2.05 -25.21
N LYS B 105 17.19 1.94 -26.53
CA LYS B 105 17.42 3.05 -27.40
C LYS B 105 16.03 3.64 -27.59
N LEU B 106 15.83 4.88 -27.21
CA LEU B 106 14.51 5.51 -27.33
C LEU B 106 14.12 5.96 -28.75
N SER B 107 12.85 5.75 -29.06
CA SER B 107 12.27 6.09 -30.37
C SER B 107 12.01 7.56 -30.52
N TYR B 108 11.94 7.98 -31.78
CA TYR B 108 11.66 9.35 -32.10
C TYR B 108 10.15 9.58 -31.99
N GLU B 109 9.62 9.61 -30.77
CA GLU B 109 8.19 9.86 -30.56
C GLU B 109 7.93 10.80 -29.41
N PHE B 110 7.41 11.97 -29.76
CA PHE B 110 7.23 13.06 -28.82
C PHE B 110 5.86 13.63 -29.02
N TYR B 111 5.29 14.18 -27.96
CA TYR B 111 3.97 14.76 -28.01
C TYR B 111 4.11 16.21 -28.39
N ILE B 112 3.56 16.50 -29.58
CA ILE B 112 3.55 17.85 -30.12
C ILE B 112 2.10 18.34 -30.00
N PRO B 113 1.84 19.31 -29.12
CA PRO B 113 0.50 19.82 -28.99
C PRO B 113 -0.02 20.40 -30.32
N SER B 114 -1.24 20.08 -30.68
CA SER B 114 -1.90 20.74 -31.81
C SER B 114 -2.09 22.24 -31.53
N PRO B 115 -2.21 23.08 -32.57
CA PRO B 115 -2.49 24.51 -32.30
C PRO B 115 -3.74 24.76 -31.45
N GLU B 116 -4.69 23.85 -31.50
CA GLU B 116 -5.94 24.02 -30.78
C GLU B 116 -5.74 23.89 -29.28
N ARG B 117 -4.65 23.25 -28.87
CA ARG B 117 -4.32 23.15 -27.44
C ARG B 117 -4.15 24.55 -26.84
N LEU B 118 -3.78 25.52 -27.66
CA LEU B 118 -3.43 26.86 -27.19
C LEU B 118 -4.51 27.92 -27.26
N GLU B 119 -5.39 27.88 -28.25
CA GLU B 119 -6.49 28.84 -28.23
C GLU B 119 -7.30 28.61 -26.94
N GLY B 120 -7.78 29.69 -26.37
CA GLY B 120 -8.27 29.71 -24.99
C GLY B 120 -7.37 30.66 -24.24
N TYR B 121 -6.16 30.86 -24.78
CA TYR B 121 -5.13 31.71 -24.20
C TYR B 121 -4.74 32.75 -25.21
N LYS B 122 -4.56 33.98 -24.73
CA LYS B 122 -3.99 35.05 -25.57
C LYS B 122 -2.48 34.89 -25.66
N THR B 123 -2.01 34.76 -26.88
CA THR B 123 -0.60 34.62 -27.14
C THR B 123 -0.10 35.64 -28.18
N THR B 124 1.03 36.26 -27.91
CA THR B 124 1.66 37.23 -28.81
C THR B 124 2.45 36.57 -29.95
N ILE B 125 2.30 35.27 -30.10
CA ILE B 125 2.69 34.55 -31.33
C ILE B 125 1.56 33.57 -31.63
N PRO B 126 1.31 33.31 -32.91
CA PRO B 126 0.22 32.39 -33.31
C PRO B 126 0.45 30.98 -32.73
N PRO B 127 -0.65 30.28 -32.42
CA PRO B 127 -0.56 28.93 -31.89
C PRO B 127 0.32 27.98 -32.73
N GLU B 128 0.28 28.06 -34.05
CA GLU B 128 1.10 27.19 -34.92
C GLU B 128 2.59 27.47 -34.81
N ARG B 129 2.94 28.70 -34.42
CA ARG B 129 4.31 29.06 -34.10
C ARG B 129 4.76 28.35 -32.80
N VAL B 130 3.89 28.35 -31.79
CA VAL B 130 4.16 27.59 -30.56
C VAL B 130 4.46 26.12 -30.90
N THR B 131 3.61 25.56 -31.75
CA THR B 131 3.69 24.16 -32.17
C THR B 131 5.03 23.90 -32.87
N GLU B 132 5.45 24.80 -33.76
CA GLU B 132 6.74 24.57 -34.43
C GLU B 132 7.93 24.80 -33.50
N LYS B 133 7.83 25.74 -32.55
CA LYS B 133 8.92 25.96 -31.60
C LYS B 133 9.16 24.71 -30.73
N ILE B 134 8.06 24.07 -30.35
CA ILE B 134 8.15 22.80 -29.65
C ILE B 134 8.83 21.72 -30.50
N SER B 135 8.43 21.59 -31.78
CA SER B 135 9.06 20.58 -32.66
C SER B 135 10.53 20.79 -32.87
N GLU B 136 10.94 22.05 -33.03
CA GLU B 136 12.35 22.41 -33.27
C GLU B 136 13.22 21.92 -32.11
N ILE B 137 12.80 22.29 -30.91
CA ILE B 137 13.46 21.86 -29.69
C ILE B 137 13.52 20.30 -29.55
N VAL B 138 12.41 19.65 -29.86
CA VAL B 138 12.38 18.16 -29.91
C VAL B 138 13.36 17.57 -30.91
N ASP B 139 13.38 18.13 -32.12
CA ASP B 139 14.28 17.67 -33.17
C ASP B 139 15.73 17.82 -32.75
N LYS B 140 16.07 18.99 -32.19
CA LYS B 140 17.41 19.30 -31.76
C LYS B 140 17.88 18.31 -30.70
N ALA B 141 17.05 18.15 -29.67
CA ALA B 141 17.35 17.31 -28.51
C ALA B 141 17.50 15.89 -28.94
N TYR B 142 16.57 15.42 -29.76
CA TYR B 142 16.66 14.08 -30.29
C TYR B 142 17.92 13.81 -31.14
N ARG B 143 18.31 14.76 -31.99
CA ARG B 143 19.50 14.59 -32.78
C ARG B 143 20.73 14.53 -31.86
N THR B 144 20.80 15.45 -30.90
CA THR B 144 21.88 15.44 -29.91
C THR B 144 21.92 14.07 -29.24
N TYR B 145 20.75 13.54 -28.85
CA TYR B 145 20.68 12.23 -28.16
C TYR B 145 21.33 11.13 -28.99
N LEU B 146 20.94 11.08 -30.26
CA LEU B 146 21.47 10.10 -31.19
C LEU B 146 22.96 10.27 -31.38
N GLU B 147 23.41 11.51 -31.48
CA GLU B 147 24.85 11.77 -31.58
C GLU B 147 25.63 11.29 -30.35
N LEU B 148 25.05 11.51 -29.16
CA LEU B 148 25.68 11.02 -27.96
C LEU B 148 25.76 9.51 -27.98
N ILE B 149 24.63 8.83 -28.19
CA ILE B 149 24.68 7.35 -28.36
C ILE B 149 25.77 6.89 -29.34
N GLU B 150 25.73 7.46 -30.54
CA GLU B 150 26.69 7.18 -31.62
C GLU B 150 28.18 7.30 -31.21
N SER B 151 28.48 8.21 -30.28
CA SER B 151 29.86 8.37 -29.76
C SER B 151 30.22 7.38 -28.64
N GLY B 152 29.30 6.48 -28.27
CA GLY B 152 29.55 5.58 -27.13
C GLY B 152 29.19 6.16 -25.76
N VAL B 153 28.43 7.26 -25.74
CA VAL B 153 27.91 7.77 -24.47
C VAL B 153 26.83 6.76 -24.09
N PRO B 154 26.93 6.18 -22.89
CA PRO B 154 25.93 5.20 -22.52
C PRO B 154 24.51 5.82 -22.49
N ARG B 155 23.51 4.99 -22.83
CA ARG B 155 22.15 5.41 -23.00
C ARG B 155 21.58 6.15 -21.80
N GLU B 156 21.83 5.62 -20.61
CA GLU B 156 21.28 6.17 -19.38
C GLU B 156 21.69 7.63 -19.18
N VAL B 157 22.79 8.04 -19.84
CA VAL B 157 23.28 9.43 -19.71
C VAL B 157 22.78 10.28 -20.89
N ALA B 158 22.76 9.67 -22.07
CA ALA B 158 22.45 10.39 -23.28
C ALA B 158 20.99 10.87 -23.22
N ARG B 159 20.11 10.05 -22.64
CA ARG B 159 18.70 10.32 -22.61
C ARG B 159 18.33 11.55 -21.79
N ILE B 160 19.25 12.07 -20.99
CA ILE B 160 18.88 13.16 -20.06
C ILE B 160 18.58 14.46 -20.79
N VAL B 161 18.96 14.52 -22.07
CA VAL B 161 18.73 15.72 -22.81
C VAL B 161 17.32 15.67 -23.43
N LEU B 162 16.66 14.52 -23.39
CA LEU B 162 15.36 14.37 -24.02
C LEU B 162 14.29 15.09 -23.22
N PRO B 163 13.40 15.77 -23.91
CA PRO B 163 12.37 16.56 -23.24
C PRO B 163 11.22 15.75 -22.63
N LEU B 164 10.53 16.37 -21.69
CA LEU B 164 9.45 15.75 -20.96
C LEU B 164 8.29 15.26 -21.82
N ASN B 165 8.18 15.77 -23.05
CA ASN B 165 7.14 15.32 -23.94
C ASN B 165 7.45 14.00 -24.69
N LEU B 166 8.59 13.37 -24.37
CA LEU B 166 8.94 12.08 -24.95
C LEU B 166 7.93 11.04 -24.58
N TYR B 167 7.54 10.17 -25.51
CA TYR B 167 6.59 9.13 -25.15
C TYR B 167 7.31 7.98 -24.44
N THR B 168 6.68 7.46 -23.38
CA THR B 168 7.10 6.28 -22.69
C THR B 168 5.91 5.31 -22.76
N ARG B 169 6.15 4.04 -22.38
CA ARG B 169 5.11 3.01 -22.34
C ARG B 169 5.22 2.25 -21.05
N PHE B 170 4.07 1.81 -20.52
CA PHE B 170 4.04 1.05 -19.27
C PHE B 170 2.82 0.19 -19.17
N PHE B 171 2.92 -0.81 -18.29
CA PHE B 171 1.79 -1.68 -17.95
C PHE B 171 1.34 -1.19 -16.64
N TRP B 172 0.04 -1.15 -16.47
CA TRP B 172 -0.56 -0.63 -15.23
C TRP B 172 -1.60 -1.64 -14.72
N THR B 173 -1.38 -2.28 -13.58
CA THR B 173 -2.39 -3.14 -13.00
C THR B 173 -2.97 -2.45 -11.76
N VAL B 174 -4.31 -2.36 -11.71
CA VAL B 174 -4.98 -1.45 -10.79
C VAL B 174 -6.37 -2.00 -10.49
N ASN B 175 -6.78 -1.98 -9.24
CA ASN B 175 -8.08 -2.51 -8.90
C ASN B 175 -9.20 -1.43 -9.10
N ALA B 176 -10.48 -1.81 -9.10
CA ALA B 176 -11.54 -0.80 -9.45
C ALA B 176 -11.65 0.32 -8.42
N ARG B 177 -11.38 0.07 -7.14
CA ARG B 177 -11.49 1.13 -6.16
C ARG B 177 -10.42 2.20 -6.36
N SER B 178 -9.22 1.72 -6.58
CA SER B 178 -8.11 2.59 -6.85
C SER B 178 -8.23 3.21 -8.26
N LEU B 179 -8.80 2.49 -9.23
CA LEU B 179 -9.13 3.14 -10.52
C LEU B 179 -10.13 4.34 -10.33
N MET B 180 -11.08 4.18 -9.43
CA MET B 180 -12.05 5.25 -9.15
C MET B 180 -11.40 6.48 -8.53
N ASN B 181 -10.43 6.23 -7.65
CA ASN B 181 -9.63 7.30 -7.02
C ASN B 181 -8.90 8.10 -8.08
N PHE B 182 -8.41 7.38 -9.06
CA PHE B 182 -7.67 7.92 -10.15
C PHE B 182 -8.61 8.77 -11.00
N LEU B 183 -9.77 8.24 -11.33
CA LEU B 183 -10.77 9.02 -12.10
C LEU B 183 -11.17 10.29 -11.35
N ASN B 184 -11.40 10.19 -10.04
CA ASN B 184 -11.65 11.37 -9.19
C ASN B 184 -10.65 12.48 -9.35
N LEU B 185 -9.37 12.14 -9.49
CA LEU B 185 -8.31 13.13 -9.51
C LEU B 185 -7.93 13.53 -10.91
N LYS B 186 -7.92 12.60 -11.87
CA LYS B 186 -7.42 12.94 -13.20
C LYS B 186 -8.52 13.24 -14.18
N ALA B 187 -9.72 12.68 -13.97
CA ALA B 187 -10.84 13.03 -14.88
C ALA B 187 -11.50 14.21 -14.22
N ASP B 188 -10.79 15.33 -14.26
CA ASP B 188 -11.22 16.51 -13.57
C ASP B 188 -10.53 17.69 -14.19
N SER B 189 -11.30 18.75 -14.38
CA SER B 189 -10.81 19.98 -15.03
C SER B 189 -9.54 20.56 -14.36
N HIS B 190 -9.31 20.33 -13.08
CA HIS B 190 -8.09 20.86 -12.40
C HIS B 190 -6.81 20.13 -12.83
N ALA B 191 -6.97 18.88 -13.27
CA ALA B 191 -5.85 18.10 -13.78
C ALA B 191 -5.52 18.68 -15.13
N GLN B 192 -4.31 18.46 -15.57
CA GLN B 192 -3.83 18.94 -16.87
C GLN B 192 -4.60 18.25 -17.97
N TRP B 193 -4.96 19.05 -18.99
CA TRP B 193 -5.77 18.59 -20.11
C TRP B 193 -5.25 17.28 -20.67
N GLU B 194 -3.94 17.19 -20.90
CA GLU B 194 -3.39 15.97 -21.46
C GLU B 194 -3.77 14.71 -20.70
N ILE B 195 -3.72 14.76 -19.36
CA ILE B 195 -4.04 13.55 -18.56
C ILE B 195 -5.56 13.33 -18.43
N GLN B 196 -6.33 14.43 -18.47
CA GLN B 196 -7.79 14.29 -18.62
C GLN B 196 -8.12 13.34 -19.78
N GLN B 197 -7.40 13.50 -20.88
CA GLN B 197 -7.69 12.73 -22.06
C GLN B 197 -7.46 11.25 -21.83
N TYR B 198 -6.37 10.89 -21.15
CA TYR B 198 -6.13 9.49 -20.74
C TYR B 198 -7.19 9.01 -19.81
N ALA B 199 -7.58 9.86 -18.89
CA ALA B 199 -8.50 9.37 -17.91
C ALA B 199 -9.89 9.11 -18.57
N LEU B 200 -10.18 9.78 -19.70
CA LEU B 200 -11.45 9.54 -20.45
C LEU B 200 -11.45 8.16 -21.08
N ALA B 201 -10.29 7.78 -21.61
CA ALA B 201 -10.15 6.47 -22.21
C ALA B 201 -10.24 5.43 -21.10
N ILE B 202 -9.55 5.65 -19.99
CA ILE B 202 -9.64 4.74 -18.85
C ILE B 202 -11.09 4.58 -18.44
N ALA B 203 -11.80 5.71 -18.33
CA ALA B 203 -13.20 5.65 -17.91
C ALA B 203 -14.02 4.84 -18.89
N ARG B 204 -13.77 5.05 -20.18
CA ARG B 204 -14.51 4.31 -21.19
C ARG B 204 -14.34 2.78 -21.09
N ILE B 205 -13.11 2.32 -20.87
CA ILE B 205 -12.88 0.90 -20.66
C ILE B 205 -13.50 0.38 -19.35
N PHE B 206 -13.28 1.12 -18.26
CA PHE B 206 -13.98 0.84 -17.01
C PHE B 206 -15.47 0.60 -17.28
N LYS B 207 -16.09 1.57 -17.94
CA LYS B 207 -17.53 1.52 -18.15
C LYS B 207 -17.96 0.30 -18.97
N GLU B 208 -17.13 -0.03 -19.93
CA GLU B 208 -17.39 -1.15 -20.80
C GLU B 208 -17.35 -2.50 -20.02
N LYS B 209 -16.51 -2.60 -18.99
CA LYS B 209 -16.34 -3.88 -18.32
C LYS B 209 -17.19 -4.03 -17.11
N CYS B 210 -17.50 -2.89 -16.46
CA CYS B 210 -18.27 -2.85 -15.22
C CYS B 210 -19.30 -1.74 -15.33
N PRO B 211 -20.31 -1.94 -16.20
CA PRO B 211 -21.35 -0.91 -16.45
C PRO B 211 -22.04 -0.45 -15.15
N TRP B 212 -22.46 -1.38 -14.29
CA TRP B 212 -23.11 -1.02 -13.03
C TRP B 212 -22.23 -0.29 -12.03
N THR B 213 -21.00 -0.78 -11.80
CA THR B 213 -20.13 -0.05 -10.88
C THR B 213 -19.95 1.35 -11.37
N PHE B 214 -19.73 1.49 -12.69
CA PHE B 214 -19.46 2.78 -13.34
C PHE B 214 -20.62 3.78 -13.21
N GLU B 215 -21.85 3.33 -13.51
CA GLU B 215 -23.03 4.23 -13.39
C GLU B 215 -23.20 4.59 -11.92
N ALA B 216 -23.10 3.61 -11.03
CA ALA B 216 -23.24 3.95 -9.63
C ALA B 216 -22.17 4.96 -9.13
N PHE B 217 -20.91 4.78 -9.56
CA PHE B 217 -19.80 5.71 -9.24
C PHE B 217 -20.10 7.18 -9.68
N LEU B 218 -20.48 7.36 -10.94
CA LEU B 218 -20.94 8.69 -11.43
C LEU B 218 -22.05 9.27 -10.58
N LYS B 219 -23.06 8.46 -10.28
CA LYS B 219 -24.21 8.89 -9.51
C LYS B 219 -23.94 9.29 -8.06
N TYR B 220 -23.02 8.60 -7.40
CA TYR B 220 -22.87 8.82 -5.96
C TYR B 220 -21.50 9.20 -5.47
N ALA B 221 -20.43 8.76 -6.13
CA ALA B 221 -19.12 8.81 -5.49
C ALA B 221 -18.10 9.64 -6.24
N TYR B 222 -18.34 9.89 -7.52
CA TYR B 222 -17.36 10.57 -8.36
C TYR B 222 -17.28 12.05 -8.08
N LYS B 223 -16.08 12.54 -7.95
CA LYS B 223 -15.84 13.87 -7.41
C LYS B 223 -15.44 14.83 -8.49
N GLY B 224 -14.90 14.26 -9.58
CA GLY B 224 -14.42 14.99 -10.74
C GLY B 224 -15.59 15.66 -11.40
N ASP B 225 -15.34 16.42 -12.47
CA ASP B 225 -16.42 17.13 -13.18
C ASP B 225 -16.70 16.53 -14.59
N ILE B 226 -15.66 16.17 -15.32
CA ILE B 226 -15.83 15.89 -16.75
C ILE B 226 -16.60 14.64 -17.19
N LEU B 227 -16.55 13.59 -16.41
CA LEU B 227 -17.22 12.35 -16.78
C LEU B 227 -18.75 12.45 -16.65
N LYS B 228 -19.23 13.43 -15.89
CA LYS B 228 -20.67 13.66 -15.88
C LYS B 228 -21.09 14.49 -17.08
N GLU B 229 -20.15 14.87 -17.95
CA GLU B 229 -20.56 15.54 -19.17
C GLU B 229 -20.05 14.94 -20.48
N VAL B 230 -18.89 14.30 -20.43
CA VAL B 230 -18.37 13.65 -21.63
C VAL B 230 -18.90 12.23 -21.59
N GLN B 231 -19.64 11.85 -22.63
CA GLN B 231 -20.32 10.56 -22.68
C GLN B 231 -19.33 9.40 -22.62
N MET C 13 21.86 18.41 9.29
CA MET C 13 22.31 17.37 8.31
C MET C 13 21.83 17.62 6.87
N LYS C 14 22.72 18.16 6.05
CA LYS C 14 22.49 18.33 4.65
C LYS C 14 23.68 17.86 3.78
N ILE C 15 23.43 16.97 2.84
CA ILE C 15 24.53 16.51 2.02
C ILE C 15 24.31 16.92 0.55
N ASP C 16 25.28 17.64 -0.02
CA ASP C 16 25.36 17.93 -1.45
C ASP C 16 25.51 16.68 -2.34
N ILE C 17 24.72 16.62 -3.42
CA ILE C 17 24.76 15.47 -4.31
C ILE C 17 24.85 15.99 -5.75
N LEU C 18 25.68 15.34 -6.58
CA LEU C 18 25.81 15.71 -8.00
C LEU C 18 26.26 17.17 -8.08
N ASP C 19 25.78 17.93 -9.08
CA ASP C 19 26.16 19.35 -9.18
C ASP C 19 25.28 20.39 -8.40
N LYS C 20 23.99 20.12 -8.19
CA LYS C 20 23.07 21.08 -7.55
C LYS C 20 22.08 20.35 -6.62
N GLY C 21 22.30 19.04 -6.44
CA GLY C 21 21.38 18.27 -5.61
C GLY C 21 21.74 18.24 -4.14
N PHE C 22 20.83 17.67 -3.34
CA PHE C 22 21.08 17.54 -1.92
C PHE C 22 20.10 16.61 -1.31
N VAL C 23 20.52 16.00 -0.21
CA VAL C 23 19.60 15.26 0.60
C VAL C 23 19.72 15.97 1.91
N GLU C 24 18.58 16.40 2.41
CA GLU C 24 18.56 17.11 3.70
C GLU C 24 17.56 16.43 4.66
N LEU C 25 17.97 16.16 5.90
CA LEU C 25 17.06 15.59 6.93
C LEU C 25 16.16 16.68 7.49
N VAL C 26 14.85 16.42 7.49
CA VAL C 26 13.85 17.39 7.99
C VAL C 26 13.41 16.94 9.37
N ASP C 27 13.17 15.66 9.55
CA ASP C 27 12.70 15.18 10.84
C ASP C 27 12.96 13.66 10.97
N VAL C 28 12.91 13.15 12.21
CA VAL C 28 12.93 11.74 12.44
C VAL C 28 12.09 11.46 13.68
N MET C 29 11.34 10.36 13.67
CA MET C 29 10.66 9.86 14.85
C MET C 29 11.36 8.55 15.25
N GLY C 30 11.86 8.50 16.49
CA GLY C 30 12.36 7.24 17.07
C GLY C 30 13.84 7.00 16.82
N ASN C 31 14.34 5.86 17.24
CA ASN C 31 15.73 5.52 17.00
C ASN C 31 15.70 4.02 17.11
N ASP C 32 16.87 3.36 17.23
CA ASP C 32 16.86 1.89 17.27
C ASP C 32 15.95 1.29 18.32
N LEU C 33 15.79 1.99 19.44
CA LEU C 33 14.95 1.53 20.55
C LEU C 33 13.46 1.52 20.24
N SER C 34 13.04 2.35 19.29
CA SER C 34 11.64 2.33 18.82
C SER C 34 11.33 0.97 18.20
N ALA C 35 12.30 0.45 17.47
CA ALA C 35 12.12 -0.87 16.91
C ALA C 35 12.12 -1.97 18.00
N VAL C 36 12.90 -1.75 19.05
CA VAL C 36 12.92 -2.70 20.18
C VAL C 36 11.57 -2.65 20.97
N ARG C 37 11.14 -1.44 21.33
CA ARG C 37 9.83 -1.24 22.03
C ARG C 37 8.70 -1.91 21.28
N ALA C 38 8.73 -1.80 19.95
CA ALA C 38 7.68 -2.38 19.14
C ALA C 38 7.76 -3.88 18.98
N ALA C 39 8.96 -4.45 18.79
CA ALA C 39 9.05 -5.89 18.72
C ALA C 39 8.58 -6.50 20.04
N ARG C 40 8.80 -5.81 21.15
CA ARG C 40 8.42 -6.37 22.45
C ARG C 40 7.02 -5.96 22.90
N VAL C 41 6.40 -5.04 22.17
CA VAL C 41 5.12 -4.41 22.56
C VAL C 41 5.13 -3.89 24.02
N SER C 42 6.05 -2.98 24.35
CA SER C 42 6.11 -2.47 25.74
C SER C 42 6.08 -0.94 25.88
N LYS C 48 16.05 0.63 28.22
CA LYS C 48 17.30 0.44 27.48
C LYS C 48 18.27 -0.55 28.14
N ASP C 49 18.65 -1.59 27.40
CA ASP C 49 19.67 -2.57 27.82
C ASP C 49 20.46 -2.88 26.54
N GLU C 50 21.51 -2.10 26.36
CA GLU C 50 22.20 -1.96 25.10
C GLU C 50 22.52 -3.27 24.39
N GLU C 51 23.22 -4.17 25.09
CA GLU C 51 23.76 -5.38 24.46
C GLU C 51 22.58 -6.30 24.11
N ARG C 52 21.62 -6.40 25.02
CA ARG C 52 20.45 -7.22 24.76
C ARG C 52 19.60 -6.64 23.61
N ASP C 53 19.44 -5.31 23.61
CA ASP C 53 18.62 -4.61 22.59
C ASP C 53 19.24 -4.65 21.17
N ARG C 54 20.56 -4.48 21.09
CA ARG C 54 21.27 -4.60 19.80
C ARG C 54 21.09 -6.01 19.35
N HIS C 55 21.15 -6.94 20.30
CA HIS C 55 21.04 -8.36 19.98
C HIS C 55 19.68 -8.70 19.35
N LEU C 56 18.61 -8.25 19.99
CA LEU C 56 17.27 -8.30 19.40
C LEU C 56 17.25 -7.70 17.97
N ILE C 57 17.84 -6.52 17.80
CA ILE C 57 17.94 -5.90 16.49
C ILE C 57 18.53 -6.88 15.47
N GLU C 58 19.68 -7.48 15.81
CA GLU C 58 20.32 -8.44 14.90
C GLU C 58 19.44 -9.64 14.69
N TYR C 59 18.82 -10.11 15.75
CA TYR C 59 17.92 -11.22 15.64
C TYR C 59 16.75 -10.92 14.67
N LEU C 60 16.07 -9.78 14.84
CA LEU C 60 14.99 -9.42 13.92
C LEU C 60 15.44 -9.39 12.44
N MET C 61 16.51 -8.66 12.16
CA MET C 61 17.10 -8.54 10.83
C MET C 61 17.56 -9.89 10.28
N LYS C 62 18.24 -10.69 11.11
CA LYS C 62 18.67 -12.04 10.71
C LYS C 62 17.50 -12.93 10.27
N HIS C 63 16.40 -12.94 11.04
CA HIS C 63 15.27 -13.83 10.76
C HIS C 63 14.17 -13.18 9.93
N GLY C 64 14.52 -12.08 9.28
CA GLY C 64 13.60 -11.35 8.45
C GLY C 64 12.32 -10.84 9.10
N HIS C 65 12.32 -10.57 10.41
CA HIS C 65 11.14 -9.96 11.08
C HIS C 65 11.27 -8.46 11.06
N GLU C 66 10.95 -7.89 9.91
CA GLU C 66 11.17 -6.49 9.65
C GLU C 66 10.10 -5.49 10.07
N THR C 67 8.91 -5.95 10.42
CA THR C 67 7.85 -4.95 10.75
C THR C 67 8.28 -3.98 11.89
N PRO C 68 9.11 -4.43 12.87
CA PRO C 68 9.38 -3.49 13.95
C PRO C 68 10.11 -2.23 13.53
N PHE C 69 10.83 -2.33 12.40
CA PHE C 69 11.57 -1.19 11.91
C PHE C 69 10.68 -0.16 11.21
N GLU C 70 9.43 -0.51 10.98
CA GLU C 70 8.44 0.43 10.41
C GLU C 70 8.08 1.55 11.39
N HIS C 71 8.48 1.40 12.66
CA HIS C 71 8.09 2.38 13.69
C HIS C 71 9.20 3.39 13.93
N ILE C 72 10.12 3.43 12.98
CA ILE C 72 11.11 4.48 12.89
C ILE C 72 10.82 5.17 11.57
N VAL C 73 10.85 6.48 11.57
CA VAL C 73 10.42 7.18 10.36
C VAL C 73 11.24 8.42 10.10
N PHE C 74 11.52 8.70 8.83
CA PHE C 74 12.32 9.86 8.45
C PHE C 74 11.52 10.79 7.52
N THR C 75 11.78 12.09 7.61
CA THR C 75 11.41 12.97 6.52
C THR C 75 12.62 13.65 5.92
N PHE C 76 12.80 13.48 4.61
CA PHE C 76 13.85 14.18 3.92
C PHE C 76 13.26 15.18 2.95
N HIS C 77 14.12 16.12 2.62
CA HIS C 77 13.92 17.08 1.56
C HIS C 77 15.03 16.86 0.57
N VAL C 78 14.65 16.51 -0.65
CA VAL C 78 15.62 16.05 -1.65
C VAL C 78 15.51 16.93 -2.88
N LYS C 79 16.68 17.24 -3.45
CA LYS C 79 16.75 18.01 -4.70
C LYS C 79 17.52 17.18 -5.71
N ALA C 80 16.85 16.83 -6.80
CA ALA C 80 17.38 15.81 -7.71
C ALA C 80 16.80 16.05 -9.11
N PRO C 81 17.51 15.58 -10.14
CA PRO C 81 16.97 15.70 -11.49
C PRO C 81 15.81 14.76 -11.65
N ILE C 82 14.88 15.14 -12.53
CA ILE C 82 13.69 14.37 -12.78
C ILE C 82 14.01 12.89 -13.21
N PHE C 83 14.96 12.64 -14.12
CA PHE C 83 15.30 11.21 -14.40
C PHE C 83 15.62 10.42 -13.11
N VAL C 84 16.23 11.08 -12.12
CA VAL C 84 16.42 10.47 -10.80
C VAL C 84 15.16 10.39 -9.94
N ALA C 85 14.35 11.47 -9.92
CA ALA C 85 13.12 11.42 -9.11
C ALA C 85 12.18 10.32 -9.58
N ARG C 86 12.12 10.08 -10.87
CA ARG C 86 11.20 9.08 -11.43
C ARG C 86 11.58 7.68 -11.00
N GLN C 87 12.89 7.37 -10.96
CA GLN C 87 13.37 6.10 -10.37
C GLN C 87 13.04 6.03 -8.89
N TRP C 88 13.25 7.14 -8.19
CA TRP C 88 12.94 7.20 -6.77
C TRP C 88 11.42 6.98 -6.50
N PHE C 89 10.58 7.63 -7.31
CA PHE C 89 9.15 7.71 -6.95
C PHE C 89 8.46 6.37 -7.17
N ARG C 90 9.18 5.42 -7.76
CA ARG C 90 8.66 4.08 -7.95
C ARG C 90 8.52 3.33 -6.61
N HIS C 91 9.18 3.85 -5.57
CA HIS C 91 9.04 3.26 -4.23
C HIS C 91 7.78 3.82 -3.57
N ARG C 92 6.78 2.94 -3.61
CA ARG C 92 5.41 3.25 -3.28
C ARG C 92 5.14 3.27 -1.80
N ILE C 93 5.91 2.54 -0.98
CA ILE C 93 5.60 2.51 0.45
C ILE C 93 6.41 3.63 1.08
N ALA C 94 5.88 4.82 0.88
CA ALA C 94 6.48 6.08 1.29
C ALA C 94 5.50 7.23 0.90
N SER C 95 5.82 8.45 1.34
CA SER C 95 5.02 9.66 1.13
C SER C 95 5.87 10.72 0.45
N TYR C 96 5.30 11.40 -0.53
CA TYR C 96 5.96 12.39 -1.38
C TYR C 96 5.14 13.66 -1.49
N ASN C 97 5.82 14.82 -1.52
CA ASN C 97 5.25 16.07 -2.03
C ASN C 97 6.30 16.75 -2.91
N GLU C 98 5.96 17.01 -4.16
CA GLU C 98 6.96 17.52 -5.12
C GLU C 98 6.59 18.92 -5.62
N LEU C 99 7.56 19.76 -5.97
CA LEU C 99 7.25 20.97 -6.77
C LEU C 99 6.49 20.69 -8.07
N SER C 100 5.57 21.58 -8.42
CA SER C 100 4.85 21.57 -9.69
C SER C 100 5.48 22.76 -10.44
N GLY C 101 5.95 22.67 -11.68
CA GLY C 101 5.43 21.93 -12.79
C GLY C 101 4.46 22.94 -13.44
N ARG C 102 3.20 22.78 -13.09
CA ARG C 102 2.15 23.58 -13.67
C ARG C 102 1.99 24.92 -12.98
N TYR C 103 2.48 25.05 -11.76
CA TYR C 103 2.14 26.15 -10.83
C TYR C 103 3.30 27.08 -10.45
N SER C 104 4.53 26.69 -10.77
CA SER C 104 5.72 27.53 -10.54
C SER C 104 6.46 27.83 -11.84
N LYS C 105 7.02 29.03 -11.96
CA LYS C 105 8.04 29.27 -12.98
C LYS C 105 9.28 28.46 -12.56
N LEU C 106 9.90 27.77 -13.51
CA LEU C 106 10.97 26.83 -13.14
C LEU C 106 12.36 27.46 -13.21
N SER C 107 13.19 27.13 -12.22
CA SER C 107 14.56 27.62 -12.15
C SER C 107 15.41 27.01 -13.25
N TYR C 108 16.38 27.79 -13.71
CA TYR C 108 17.41 27.33 -14.61
C TYR C 108 18.33 26.40 -13.82
N GLU C 109 17.81 25.24 -13.40
CA GLU C 109 18.75 24.27 -12.80
C GLU C 109 18.66 22.89 -13.43
N PHE C 110 19.81 22.42 -13.93
CA PHE C 110 19.90 21.20 -14.68
C PHE C 110 21.17 20.44 -14.26
N TYR C 111 21.09 19.12 -14.24
CA TYR C 111 22.30 18.32 -14.02
C TYR C 111 23.02 18.21 -15.34
N ILE C 112 24.22 18.78 -15.36
CA ILE C 112 25.15 18.57 -16.44
C ILE C 112 26.26 17.69 -15.88
N PRO C 113 26.37 16.45 -16.36
CA PRO C 113 27.47 15.58 -15.91
C PRO C 113 28.83 16.19 -16.28
N SER C 114 29.77 16.05 -15.36
CA SER C 114 31.11 16.51 -15.60
C SER C 114 31.83 15.45 -16.42
N PRO C 115 33.00 15.81 -17.00
CA PRO C 115 33.68 14.89 -17.94
C PRO C 115 34.11 13.57 -17.26
N GLU C 116 34.32 13.62 -15.96
CA GLU C 116 34.64 12.44 -15.16
C GLU C 116 33.53 11.39 -15.18
N ARG C 117 32.28 11.81 -15.41
CA ARG C 117 31.17 10.87 -15.44
C ARG C 117 31.37 9.86 -16.57
N LEU C 118 32.05 10.29 -17.63
CA LEU C 118 32.14 9.57 -18.89
C LEU C 118 33.52 9.10 -19.23
N GLU C 119 34.54 9.80 -18.75
CA GLU C 119 35.89 9.22 -18.80
C GLU C 119 35.71 7.81 -18.19
N GLY C 120 36.48 6.86 -18.69
CA GLY C 120 36.17 5.46 -18.39
C GLY C 120 35.46 4.81 -19.56
N TYR C 121 34.52 5.52 -20.18
CA TYR C 121 33.84 5.01 -21.38
C TYR C 121 34.68 5.33 -22.57
N LYS C 122 34.79 4.39 -23.51
CA LYS C 122 35.50 4.69 -24.76
C LYS C 122 34.56 5.48 -25.65
N THR C 123 34.85 6.77 -25.84
CA THR C 123 33.97 7.60 -26.65
C THR C 123 34.72 8.23 -27.81
N THR C 124 34.02 8.51 -28.91
CA THR C 124 34.70 9.02 -30.08
C THR C 124 34.88 10.53 -30.02
N ILE C 125 34.34 11.18 -28.98
CA ILE C 125 34.60 12.61 -28.77
C ILE C 125 35.08 12.84 -27.33
N PRO C 126 35.88 13.88 -27.09
CA PRO C 126 36.29 14.09 -25.71
C PRO C 126 35.10 14.20 -24.76
N PRO C 127 35.20 13.55 -23.59
CA PRO C 127 34.26 13.68 -22.48
C PRO C 127 33.77 15.13 -22.25
N GLU C 128 34.69 16.10 -22.30
CA GLU C 128 34.40 17.53 -22.17
C GLU C 128 33.43 18.07 -23.24
N ARG C 129 33.55 17.59 -24.49
CA ARG C 129 32.65 17.98 -25.57
C ARG C 129 31.23 17.40 -25.33
N VAL C 130 31.16 16.27 -24.63
CA VAL C 130 29.86 15.73 -24.22
C VAL C 130 29.18 16.68 -23.24
N THR C 131 29.91 17.11 -22.22
CA THR C 131 29.44 18.09 -21.25
C THR C 131 28.93 19.33 -21.97
N GLU C 132 29.75 19.85 -22.89
CA GLU C 132 29.41 21.03 -23.68
C GLU C 132 28.17 20.83 -24.56
N LYS C 133 28.06 19.66 -25.19
CA LYS C 133 26.89 19.36 -26.00
C LYS C 133 25.60 19.33 -25.15
N ILE C 134 25.69 18.73 -23.96
CA ILE C 134 24.51 18.58 -23.09
C ILE C 134 24.06 19.96 -22.55
N SER C 135 25.07 20.73 -22.17
CA SER C 135 24.86 22.10 -21.75
C SER C 135 24.16 22.99 -22.82
N GLU C 136 24.58 22.84 -24.06
CA GLU C 136 24.14 23.62 -25.19
C GLU C 136 22.63 23.33 -25.37
N ILE C 137 22.28 22.05 -25.46
CA ILE C 137 20.86 21.65 -25.60
C ILE C 137 19.95 22.08 -24.43
N VAL C 138 20.41 21.85 -23.21
CA VAL C 138 19.76 22.43 -22.05
C VAL C 138 19.47 23.93 -22.19
N ASP C 139 20.51 24.68 -22.54
CA ASP C 139 20.40 26.11 -22.71
C ASP C 139 19.36 26.49 -23.79
N LYS C 140 19.39 25.78 -24.91
CA LYS C 140 18.42 26.02 -25.95
C LYS C 140 17.01 25.66 -25.45
N ALA C 141 16.85 24.51 -24.81
CA ALA C 141 15.50 24.12 -24.32
C ALA C 141 14.97 25.17 -23.37
N TYR C 142 15.83 25.59 -22.42
CA TYR C 142 15.43 26.60 -21.45
C TYR C 142 14.98 27.93 -22.08
N ARG C 143 15.70 28.38 -23.10
CA ARG C 143 15.41 29.63 -23.79
C ARG C 143 14.02 29.54 -24.45
N THR C 144 13.75 28.39 -25.10
CA THR C 144 12.48 28.13 -25.73
C THR C 144 11.37 28.21 -24.71
N TYR C 145 11.54 27.47 -23.63
CA TYR C 145 10.62 27.53 -22.53
C TYR C 145 10.30 28.97 -22.10
N LEU C 146 11.34 29.78 -21.86
CA LEU C 146 11.12 31.17 -21.36
C LEU C 146 10.37 32.02 -22.40
N GLU C 147 10.75 31.82 -23.64
CA GLU C 147 10.09 32.44 -24.76
C GLU C 147 8.61 32.09 -24.80
N LEU C 148 8.28 30.80 -24.66
CA LEU C 148 6.87 30.41 -24.67
C LEU C 148 6.18 31.01 -23.45
N ILE C 149 6.84 30.93 -22.29
CA ILE C 149 6.30 31.60 -21.12
C ILE C 149 5.94 33.07 -21.42
N GLU C 150 6.90 33.88 -21.86
CA GLU C 150 6.62 35.29 -22.02
C GLU C 150 5.53 35.55 -23.08
N SER C 151 5.37 34.61 -24.02
CA SER C 151 4.36 34.70 -25.07
C SER C 151 2.91 34.45 -24.58
N GLY C 152 2.75 34.05 -23.32
CA GLY C 152 1.45 33.69 -22.82
C GLY C 152 1.09 32.21 -22.76
N VAL C 153 1.92 31.36 -23.39
CA VAL C 153 1.68 29.92 -23.29
C VAL C 153 1.69 29.56 -21.82
N PRO C 154 0.73 28.73 -21.33
CA PRO C 154 0.73 28.40 -19.90
C PRO C 154 1.91 27.47 -19.50
N ARG C 155 2.33 27.52 -18.23
CA ARG C 155 3.52 26.80 -17.78
C ARG C 155 3.44 25.32 -18.08
N GLU C 156 2.26 24.75 -17.81
CA GLU C 156 2.02 23.33 -17.92
C GLU C 156 2.29 22.86 -19.31
N VAL C 157 2.17 23.75 -20.30
CA VAL C 157 2.44 23.39 -21.68
C VAL C 157 3.88 23.74 -22.06
N ALA C 158 4.32 24.96 -21.73
CA ALA C 158 5.69 25.39 -22.05
C ALA C 158 6.80 24.46 -21.48
N ARG C 159 6.57 23.86 -20.32
CA ARG C 159 7.61 23.04 -19.65
C ARG C 159 7.88 21.67 -20.30
N ILE C 160 7.01 21.25 -21.23
CA ILE C 160 7.18 19.93 -21.85
C ILE C 160 8.44 19.88 -22.74
N VAL C 161 8.97 21.06 -23.09
CA VAL C 161 10.23 21.12 -23.86
C VAL C 161 11.45 20.96 -22.96
N LEU C 162 11.24 20.95 -21.65
CA LEU C 162 12.38 20.96 -20.73
C LEU C 162 12.96 19.53 -20.59
N PRO C 163 14.29 19.38 -20.59
CA PRO C 163 14.86 18.03 -20.56
C PRO C 163 14.81 17.31 -19.18
N LEU C 164 14.97 16.00 -19.22
CA LEU C 164 14.87 15.13 -18.04
C LEU C 164 15.91 15.40 -16.94
N ASN C 165 16.96 16.15 -17.27
CA ASN C 165 17.94 16.52 -16.25
C ASN C 165 17.58 17.79 -15.46
N LEU C 166 16.38 18.36 -15.68
CA LEU C 166 15.84 19.44 -14.79
C LEU C 166 15.77 18.94 -13.37
N TYR C 167 16.26 19.75 -12.44
CA TYR C 167 16.12 19.53 -11.00
C TYR C 167 14.72 19.86 -10.54
N THR C 168 14.19 18.93 -9.75
CA THR C 168 13.00 19.11 -8.97
C THR C 168 13.36 18.94 -7.47
N ARG C 169 12.43 19.32 -6.60
CA ARG C 169 12.52 19.06 -5.18
C ARG C 169 11.28 18.40 -4.59
N PHE C 170 11.50 17.55 -3.59
CA PHE C 170 10.37 16.88 -2.92
C PHE C 170 10.64 16.59 -1.46
N PHE C 171 9.58 16.43 -0.70
CA PHE C 171 9.68 15.95 0.68
C PHE C 171 9.39 14.45 0.57
N TRP C 172 10.21 13.65 1.29
CA TRP C 172 10.06 12.20 1.28
C TRP C 172 9.92 11.70 2.69
N THR C 173 8.77 11.14 3.02
CA THR C 173 8.58 10.55 4.35
C THR C 173 8.54 9.04 4.20
N VAL C 174 9.35 8.33 5.01
CA VAL C 174 9.62 6.89 4.75
C VAL C 174 10.04 6.23 6.05
N ASN C 175 9.56 5.02 6.31
CA ASN C 175 9.92 4.36 7.53
C ASN C 175 11.20 3.53 7.30
N ALA C 176 11.84 3.04 8.37
CA ALA C 176 13.18 2.44 8.20
C ALA C 176 13.13 1.16 7.42
N ARG C 177 11.99 0.45 7.45
CA ARG C 177 11.88 -0.75 6.64
C ARG C 177 11.85 -0.48 5.15
N SER C 178 11.01 0.46 4.73
CA SER C 178 10.95 0.75 3.33
C SER C 178 12.24 1.50 2.84
N LEU C 179 12.87 2.28 3.74
CA LEU C 179 14.16 2.93 3.45
C LEU C 179 15.27 1.87 3.17
N MET C 180 15.31 0.83 3.99
CA MET C 180 16.17 -0.36 3.74
C MET C 180 15.91 -1.02 2.38
N ASN C 181 14.63 -1.15 2.00
CA ASN C 181 14.27 -1.61 0.66
C ASN C 181 14.87 -0.68 -0.42
N PHE C 182 14.65 0.62 -0.24
CA PHE C 182 15.24 1.60 -1.12
C PHE C 182 16.80 1.40 -1.19
N LEU C 183 17.45 1.25 -0.06
CA LEU C 183 18.91 1.10 -0.07
C LEU C 183 19.29 -0.19 -0.80
N ASN C 184 18.53 -1.27 -0.57
CA ASN C 184 18.77 -2.52 -1.30
C ASN C 184 18.88 -2.29 -2.79
N LEU C 185 17.94 -1.50 -3.31
CA LEU C 185 17.80 -1.36 -4.73
C LEU C 185 18.66 -0.23 -5.30
N LYS C 186 18.87 0.82 -4.54
CA LYS C 186 19.54 2.00 -5.13
C LYS C 186 21.01 2.11 -4.74
N ALA C 187 21.34 1.57 -3.58
CA ALA C 187 22.75 1.59 -3.11
C ALA C 187 23.39 0.32 -3.69
N ASP C 188 23.57 0.32 -4.99
CA ASP C 188 23.89 -0.91 -5.71
C ASP C 188 24.37 -0.55 -7.06
N SER C 189 25.46 -1.20 -7.50
CA SER C 189 26.06 -0.79 -8.76
C SER C 189 25.22 -1.04 -10.02
N HIS C 190 24.14 -1.82 -9.92
CA HIS C 190 23.26 -2.01 -11.08
C HIS C 190 22.31 -0.80 -11.23
N ALA C 191 22.07 -0.09 -10.15
CA ALA C 191 21.31 1.15 -10.22
C ALA C 191 22.17 2.18 -10.94
N GLN C 192 21.52 3.17 -11.55
CA GLN C 192 22.21 4.27 -12.22
C GLN C 192 23.16 5.03 -11.25
N TRP C 193 24.39 5.32 -11.68
CA TRP C 193 25.35 6.06 -10.83
C TRP C 193 24.72 7.27 -10.12
N GLU C 194 23.96 8.08 -10.86
CA GLU C 194 23.35 9.26 -10.26
C GLU C 194 22.53 8.96 -9.01
N ILE C 195 21.64 7.96 -9.09
CA ILE C 195 20.83 7.68 -7.89
C ILE C 195 21.63 6.95 -6.80
N GLN C 196 22.67 6.16 -7.16
CA GLN C 196 23.63 5.62 -6.14
C GLN C 196 24.13 6.69 -5.21
N GLN C 197 24.55 7.83 -5.75
CA GLN C 197 25.02 8.94 -4.94
C GLN C 197 23.97 9.44 -3.96
N TYR C 198 22.72 9.59 -4.41
CA TYR C 198 21.65 9.91 -3.43
C TYR C 198 21.52 8.85 -2.36
N ALA C 199 21.63 7.57 -2.73
CA ALA C 199 21.46 6.49 -1.75
C ALA C 199 22.52 6.52 -0.69
N LEU C 200 23.76 6.85 -1.08
CA LEU C 200 24.92 6.96 -0.15
C LEU C 200 24.63 8.02 0.90
N ALA C 201 24.07 9.15 0.48
CA ALA C 201 23.66 10.18 1.45
C ALA C 201 22.50 9.74 2.33
N ILE C 202 21.53 9.02 1.77
CA ILE C 202 20.43 8.48 2.57
C ILE C 202 21.00 7.48 3.59
N ALA C 203 21.91 6.61 3.12
CA ALA C 203 22.55 5.63 4.04
C ALA C 203 23.29 6.32 5.21
N ARG C 204 23.99 7.42 4.91
CA ARG C 204 24.71 8.15 5.96
C ARG C 204 23.80 8.73 7.06
N ILE C 205 22.73 9.45 6.66
CA ILE C 205 21.77 9.95 7.64
C ILE C 205 21.18 8.79 8.45
N PHE C 206 20.84 7.70 7.74
CA PHE C 206 20.22 6.55 8.40
C PHE C 206 21.18 5.96 9.45
N LYS C 207 22.46 5.80 9.07
CA LYS C 207 23.48 5.21 9.95
C LYS C 207 23.60 6.13 11.17
N GLU C 208 23.63 7.43 10.94
CA GLU C 208 23.77 8.40 12.02
C GLU C 208 22.59 8.35 13.01
N LYS C 209 21.40 8.06 12.55
CA LYS C 209 20.24 8.09 13.45
C LYS C 209 19.88 6.72 14.00
N CYS C 210 20.29 5.66 13.29
CA CYS C 210 19.98 4.27 13.69
C CYS C 210 21.23 3.38 13.51
N PRO C 211 22.31 3.75 14.21
CA PRO C 211 23.57 2.95 14.00
C PRO C 211 23.34 1.44 14.17
N TRP C 212 22.57 1.03 15.18
CA TRP C 212 22.39 -0.40 15.42
C TRP C 212 21.60 -1.05 14.31
N THR C 213 20.53 -0.38 13.83
CA THR C 213 19.74 -0.94 12.74
C THR C 213 20.58 -0.95 11.47
N PHE C 214 21.31 0.11 11.20
CA PHE C 214 22.13 0.16 10.00
C PHE C 214 23.19 -0.97 9.99
N GLU C 215 23.89 -1.14 11.12
CA GLU C 215 24.93 -2.19 11.21
C GLU C 215 24.32 -3.57 11.03
N ALA C 216 23.15 -3.80 11.64
CA ALA C 216 22.50 -5.09 11.51
C ALA C 216 21.99 -5.33 10.09
N PHE C 217 21.50 -4.26 9.47
CA PHE C 217 21.09 -4.30 8.08
C PHE C 217 22.27 -4.71 7.16
N LEU C 218 23.41 -4.03 7.28
CA LEU C 218 24.60 -4.38 6.47
C LEU C 218 25.03 -5.82 6.68
N LYS C 219 24.97 -6.26 7.93
CA LYS C 219 25.47 -7.55 8.33
C LYS C 219 24.60 -8.69 7.84
N TYR C 220 23.27 -8.48 7.77
CA TYR C 220 22.34 -9.60 7.61
C TYR C 220 21.39 -9.56 6.45
N ALA C 221 20.97 -8.36 6.04
CA ALA C 221 19.82 -8.23 5.13
C ALA C 221 20.12 -7.41 3.88
N TYR C 222 21.09 -6.50 3.96
CA TYR C 222 21.50 -5.71 2.79
C TYR C 222 21.95 -6.55 1.58
N LYS C 223 21.28 -6.30 0.45
CA LYS C 223 21.45 -7.08 -0.76
C LYS C 223 22.30 -6.36 -1.83
N GLY C 224 22.72 -5.13 -1.56
CA GLY C 224 23.51 -4.36 -2.52
C GLY C 224 24.99 -4.62 -2.35
N ASP C 225 25.80 -3.84 -3.06
CA ASP C 225 27.25 -4.00 -3.01
C ASP C 225 28.03 -2.75 -2.54
N ILE C 226 27.52 -1.56 -2.77
CA ILE C 226 28.32 -0.36 -2.52
C ILE C 226 28.47 0.06 -1.04
N LEU C 227 27.43 -0.13 -0.22
CA LEU C 227 27.48 0.34 1.16
C LEU C 227 28.55 -0.36 1.97
N LYS C 228 28.88 -1.60 1.64
CA LYS C 228 30.00 -2.25 2.35
C LYS C 228 31.39 -1.88 1.86
N GLU C 229 31.47 -1.03 0.83
CA GLU C 229 32.74 -0.43 0.35
C GLU C 229 33.08 0.87 1.05
N VAL C 230 32.06 1.60 1.51
CA VAL C 230 32.26 2.90 2.12
C VAL C 230 32.51 2.74 3.61
N HIS D 12 3.65 11.22 27.12
CA HIS D 12 3.03 11.38 28.48
C HIS D 12 1.48 11.39 28.45
N MET D 13 0.86 10.73 27.46
CA MET D 13 -0.61 10.78 27.32
C MET D 13 -1.26 9.42 27.13
N LYS D 14 -1.96 8.96 28.17
CA LYS D 14 -2.74 7.70 28.20
C LYS D 14 -4.24 7.95 28.44
N ILE D 15 -5.12 7.26 27.72
CA ILE D 15 -6.55 7.36 27.96
C ILE D 15 -7.09 5.95 28.17
N ASP D 16 -7.76 5.72 29.31
CA ASP D 16 -8.44 4.44 29.61
C ASP D 16 -9.71 4.27 28.80
N ILE D 17 -9.93 3.06 28.29
CA ILE D 17 -11.09 2.81 27.42
C ILE D 17 -11.65 1.50 27.91
N LEU D 18 -12.97 1.44 27.96
CA LEU D 18 -13.69 0.21 28.37
C LEU D 18 -13.28 -0.15 29.78
N ASP D 19 -13.31 -1.41 30.17
CA ASP D 19 -13.05 -1.68 31.58
C ASP D 19 -11.56 -1.76 31.85
N LYS D 20 -10.77 -2.23 30.89
CA LYS D 20 -9.33 -2.46 31.14
C LYS D 20 -8.40 -2.03 30.01
N GLY D 21 -8.93 -1.32 29.03
CA GLY D 21 -8.14 -0.97 27.86
C GLY D 21 -7.57 0.39 27.97
N PHE D 22 -6.73 0.73 27.02
CA PHE D 22 -6.18 2.07 26.96
C PHE D 22 -5.60 2.33 25.59
N VAL D 23 -5.40 3.61 25.32
CA VAL D 23 -4.64 4.11 24.23
C VAL D 23 -3.60 5.05 24.85
N GLU D 24 -2.35 4.88 24.47
CA GLU D 24 -1.28 5.73 24.98
C GLU D 24 -0.44 6.25 23.83
N LEU D 25 -0.06 7.52 23.86
CA LEU D 25 0.82 8.08 22.86
C LEU D 25 2.28 7.73 23.21
N VAL D 26 2.95 7.04 22.30
CA VAL D 26 4.31 6.56 22.48
C VAL D 26 5.23 7.60 21.84
N ASP D 27 4.95 8.02 20.61
CA ASP D 27 5.81 9.04 19.99
C ASP D 27 5.06 9.77 18.92
N VAL D 28 5.61 10.88 18.47
CA VAL D 28 5.02 11.65 17.40
C VAL D 28 6.12 12.36 16.60
N MET D 29 6.00 12.34 15.28
CA MET D 29 6.84 13.20 14.46
C MET D 29 6.03 14.37 13.88
N GLY D 30 6.43 15.60 14.19
CA GLY D 30 5.91 16.74 13.47
C GLY D 30 4.71 17.32 14.18
N ASN D 31 4.08 18.31 13.57
CA ASN D 31 2.89 18.96 14.12
C ASN D 31 2.25 19.62 12.92
N ASP D 32 1.28 20.54 13.09
CA ASP D 32 0.65 21.16 11.90
C ASP D 32 1.64 21.74 10.89
N LEU D 33 2.75 22.28 11.38
CA LEU D 33 3.77 22.85 10.50
C LEU D 33 4.51 21.84 9.58
N SER D 34 4.55 20.57 9.98
CA SER D 34 5.12 19.51 9.12
C SER D 34 4.31 19.41 7.85
N ALA D 35 2.98 19.62 7.94
CA ALA D 35 2.18 19.51 6.72
C ALA D 35 2.32 20.77 5.86
N VAL D 36 2.52 21.89 6.52
CA VAL D 36 2.75 23.17 5.84
C VAL D 36 4.08 23.13 5.07
N ARG D 37 5.18 22.70 5.71
CA ARG D 37 6.47 22.56 5.01
C ARG D 37 6.39 21.66 3.78
N ALA D 38 5.78 20.49 3.95
CA ALA D 38 5.60 19.52 2.86
C ALA D 38 4.84 20.11 1.71
N ALA D 39 3.71 20.77 2.00
CA ALA D 39 2.83 21.27 0.94
C ALA D 39 3.55 22.37 0.17
N ARG D 40 4.38 23.14 0.86
CA ARG D 40 5.23 24.16 0.21
C ARG D 40 6.56 23.59 -0.32
N VAL D 41 6.90 22.36 0.09
CA VAL D 41 8.25 21.78 -0.21
C VAL D 41 9.36 22.78 0.21
N SER D 42 9.24 23.32 1.42
CA SER D 42 10.29 24.19 1.98
C SER D 42 10.64 23.78 3.40
N PHE D 43 11.93 23.76 3.73
CA PHE D 43 12.36 23.37 5.07
C PHE D 43 12.47 24.54 6.06
N GLU D 50 1.85 32.63 10.49
CA GLU D 50 1.18 31.65 11.31
C GLU D 50 -0.34 31.75 11.20
N GLU D 51 -0.80 32.88 10.70
CA GLU D 51 -2.18 33.03 10.26
C GLU D 51 -2.21 32.47 8.84
N ARG D 52 -1.11 32.68 8.11
CA ARG D 52 -0.95 32.15 6.76
C ARG D 52 -0.92 30.62 6.82
N ASP D 53 -0.22 30.10 7.81
CA ASP D 53 -0.04 28.66 7.98
C ASP D 53 -1.38 27.96 8.27
N ARG D 54 -2.08 28.40 9.29
CA ARG D 54 -3.47 27.95 9.52
C ARG D 54 -4.35 27.96 8.29
N HIS D 55 -4.22 29.02 7.49
CA HIS D 55 -5.02 29.18 6.25
C HIS D 55 -4.69 28.15 5.17
N LEU D 56 -3.39 27.85 5.05
CA LEU D 56 -2.98 26.80 4.14
C LEU D 56 -3.50 25.42 4.65
N ILE D 57 -3.44 25.18 5.96
CA ILE D 57 -4.01 23.97 6.53
C ILE D 57 -5.49 23.78 6.13
N GLU D 58 -6.34 24.78 6.41
CA GLU D 58 -7.76 24.73 6.03
C GLU D 58 -7.91 24.68 4.51
N TYR D 59 -7.08 25.43 3.80
CA TYR D 59 -7.09 25.34 2.36
C TYR D 59 -6.85 23.91 1.85
N LEU D 60 -5.80 23.25 2.36
CA LEU D 60 -5.47 21.86 1.92
C LEU D 60 -6.59 20.89 2.22
N MET D 61 -7.09 21.00 3.44
CA MET D 61 -8.16 20.15 3.93
C MET D 61 -9.43 20.35 3.08
N LYS D 62 -9.82 21.59 2.81
CA LYS D 62 -11.07 21.83 2.08
C LYS D 62 -11.00 21.41 0.62
N HIS D 63 -9.81 21.41 0.01
CA HIS D 63 -9.70 20.91 -1.36
C HIS D 63 -9.33 19.44 -1.46
N GLY D 64 -9.29 18.75 -0.33
CA GLY D 64 -8.91 17.32 -0.36
C GLY D 64 -7.49 17.11 -0.82
N HIS D 65 -6.59 18.08 -0.59
CA HIS D 65 -5.14 17.87 -0.87
C HIS D 65 -4.56 17.24 0.37
N GLU D 66 -4.66 15.91 0.42
CA GLU D 66 -4.42 15.17 1.62
C GLU D 66 -2.95 14.72 1.84
N THR D 67 -2.14 14.65 0.80
CA THR D 67 -0.80 14.06 0.96
C THR D 67 0.12 14.80 1.94
N PRO D 68 -0.01 16.15 2.07
CA PRO D 68 0.81 16.86 3.06
C PRO D 68 0.67 16.33 4.46
N PHE D 69 -0.52 15.81 4.77
CA PHE D 69 -0.76 15.31 6.11
C PHE D 69 -0.07 13.97 6.38
N GLU D 70 0.48 13.35 5.34
CA GLU D 70 1.18 12.09 5.51
C GLU D 70 2.55 12.22 6.22
N HIS D 71 2.99 13.46 6.44
CA HIS D 71 4.30 13.82 6.96
C HIS D 71 4.24 14.13 8.45
N ILE D 72 3.05 13.94 9.04
CA ILE D 72 2.85 13.90 10.49
C ILE D 72 2.60 12.39 10.79
N VAL D 73 3.26 11.86 11.82
CA VAL D 73 3.18 10.45 12.16
C VAL D 73 3.08 10.27 13.68
N PHE D 74 2.28 9.29 14.09
CA PHE D 74 2.10 8.97 15.51
C PHE D 74 2.42 7.51 15.73
N THR D 75 2.81 7.16 16.96
CA THR D 75 2.84 5.77 17.39
C THR D 75 2.08 5.68 18.66
N PHE D 76 1.08 4.79 18.64
CA PHE D 76 0.25 4.53 19.80
C PHE D 76 0.58 3.17 20.37
N HIS D 77 0.39 3.00 21.67
CA HIS D 77 0.37 1.67 22.28
C HIS D 77 -1.07 1.41 22.73
N VAL D 78 -1.68 0.32 22.28
CA VAL D 78 -3.14 0.17 22.46
C VAL D 78 -3.43 -1.17 23.11
N LYS D 79 -4.23 -1.15 24.18
CA LYS D 79 -4.78 -2.36 24.78
C LYS D 79 -6.27 -2.44 24.46
N ALA D 80 -6.67 -3.52 23.79
CA ALA D 80 -7.98 -3.61 23.20
C ALA D 80 -8.37 -5.06 23.10
N PRO D 81 -9.69 -5.33 23.13
CA PRO D 81 -10.16 -6.73 22.99
C PRO D 81 -9.95 -7.16 21.55
N ILE D 82 -9.68 -8.44 21.35
CA ILE D 82 -9.39 -8.94 20.00
C ILE D 82 -10.48 -8.52 18.99
N PHE D 83 -11.77 -8.67 19.33
CA PHE D 83 -12.83 -8.25 18.36
C PHE D 83 -12.68 -6.79 17.93
N VAL D 84 -12.26 -5.93 18.86
CA VAL D 84 -11.95 -4.53 18.46
C VAL D 84 -10.70 -4.45 17.56
N ALA D 85 -9.62 -5.10 17.99
CA ALA D 85 -8.38 -5.17 17.20
C ALA D 85 -8.61 -5.68 15.78
N ARG D 86 -9.50 -6.64 15.57
CA ARG D 86 -9.69 -7.17 14.20
C ARG D 86 -10.31 -6.13 13.28
N GLN D 87 -11.25 -5.34 13.80
CA GLN D 87 -11.74 -4.19 13.01
C GLN D 87 -10.60 -3.20 12.76
N TRP D 88 -9.84 -2.93 13.82
CA TRP D 88 -8.79 -1.90 13.71
C TRP D 88 -7.76 -2.30 12.64
N PHE D 89 -7.33 -3.57 12.66
CA PHE D 89 -6.17 -4.02 11.84
C PHE D 89 -6.56 -4.07 10.36
N ARG D 90 -7.84 -3.82 10.05
CA ARG D 90 -8.31 -3.79 8.65
C ARG D 90 -7.73 -2.58 7.95
N HIS D 91 -7.23 -1.63 8.74
CA HIS D 91 -6.64 -0.41 8.22
C HIS D 91 -5.19 -0.66 7.83
N ARG D 92 -4.98 -0.82 6.51
CA ARG D 92 -3.81 -1.44 5.95
C ARG D 92 -2.71 -0.41 5.80
N ILE D 93 -3.07 0.86 5.78
CA ILE D 93 -2.03 1.84 5.58
C ILE D 93 -1.53 2.29 6.94
N ALA D 94 -0.80 1.40 7.61
CA ALA D 94 -0.21 1.66 8.92
C ALA D 94 0.68 0.45 9.27
N SER D 95 1.36 0.57 10.40
CA SER D 95 2.23 -0.50 10.90
C SER D 95 1.77 -0.98 12.28
N TYR D 96 1.79 -2.30 12.48
CA TYR D 96 1.34 -2.90 13.70
C TYR D 96 2.43 -3.86 14.24
N ASN D 97 2.60 -3.95 15.55
CA ASN D 97 3.15 -5.13 16.16
C ASN D 97 2.27 -5.50 17.32
N GLU D 98 1.84 -6.73 17.35
CA GLU D 98 0.96 -7.21 18.38
C GLU D 98 1.61 -8.29 19.25
N LEU D 99 1.18 -8.36 20.51
CA LEU D 99 1.41 -9.45 21.41
C LEU D 99 1.05 -10.79 20.76
N SER D 100 1.87 -11.82 21.01
CA SER D 100 1.61 -13.13 20.39
C SER D 100 0.94 -14.11 21.35
N GLY D 101 -0.16 -14.75 20.93
CA GLY D 101 -0.75 -15.82 21.74
C GLY D 101 0.00 -17.16 21.67
N ARG D 102 0.89 -17.29 20.70
CA ARG D 102 1.72 -18.50 20.61
C ARG D 102 2.84 -18.39 21.63
N TYR D 103 3.38 -17.18 21.75
CA TYR D 103 4.57 -16.95 22.54
C TYR D 103 4.23 -15.96 23.65
N TYR D 108 -3.73 -12.20 31.27
CA TYR D 108 -4.96 -12.58 30.59
C TYR D 108 -6.16 -11.95 31.26
N GLU D 109 -6.81 -11.07 30.50
CA GLU D 109 -7.86 -10.15 30.94
C GLU D 109 -8.85 -9.98 29.81
N PHE D 110 -10.11 -9.72 30.17
CA PHE D 110 -11.23 -9.79 29.22
C PHE D 110 -12.19 -8.60 29.36
N TYR D 111 -12.80 -8.21 28.26
CA TYR D 111 -13.71 -7.08 28.29
C TYR D 111 -15.07 -7.55 28.71
N ILE D 112 -15.44 -7.18 29.93
CA ILE D 112 -16.81 -7.42 30.41
C ILE D 112 -17.60 -6.10 30.29
N PRO D 113 -18.55 -6.04 29.37
CA PRO D 113 -19.52 -4.93 29.19
C PRO D 113 -20.28 -4.62 30.48
N SER D 114 -20.43 -3.35 30.81
CA SER D 114 -21.25 -3.01 31.93
C SER D 114 -22.72 -3.04 31.46
N PRO D 115 -23.67 -3.19 32.39
CA PRO D 115 -25.11 -3.22 32.09
C PRO D 115 -25.55 -2.12 31.14
N GLU D 116 -24.98 -0.93 31.32
CA GLU D 116 -25.30 0.26 30.52
C GLU D 116 -25.09 0.01 29.05
N ARG D 117 -24.20 -0.92 28.71
CA ARG D 117 -23.94 -1.21 27.30
C ARG D 117 -25.22 -1.65 26.55
N LEU D 118 -26.19 -2.20 27.26
CA LEU D 118 -27.40 -2.71 26.63
C LEU D 118 -28.59 -1.77 26.74
N GLU D 119 -28.39 -0.60 27.31
CA GLU D 119 -29.47 0.36 27.49
C GLU D 119 -29.88 0.88 26.13
N GLY D 120 -31.17 0.96 25.89
CA GLY D 120 -31.69 1.22 24.55
C GLY D 120 -32.12 -0.06 23.84
N TYR D 121 -31.94 -1.19 24.53
CA TYR D 121 -32.31 -2.49 23.98
C TYR D 121 -33.33 -3.12 24.88
N LYS D 122 -34.29 -3.80 24.29
CA LYS D 122 -35.35 -4.41 25.05
C LYS D 122 -34.94 -5.86 25.18
N THR D 123 -34.26 -6.19 26.27
CA THR D 123 -33.85 -7.55 26.44
C THR D 123 -34.74 -8.33 27.39
N THR D 124 -34.97 -9.57 27.02
CA THR D 124 -35.69 -10.59 27.77
C THR D 124 -35.01 -10.93 29.10
N ILE D 125 -33.73 -10.60 29.22
CA ILE D 125 -33.03 -10.84 30.48
C ILE D 125 -32.38 -9.53 30.95
N PRO D 126 -32.43 -9.24 32.25
CA PRO D 126 -31.83 -7.96 32.67
C PRO D 126 -30.40 -7.75 32.14
N PRO D 127 -30.07 -6.53 31.73
CA PRO D 127 -28.69 -6.17 31.38
C PRO D 127 -27.61 -6.74 32.33
N GLU D 128 -27.86 -6.69 33.63
CA GLU D 128 -26.93 -7.21 34.65
C GLU D 128 -26.66 -8.71 34.52
N ARG D 129 -27.66 -9.45 34.06
CA ARG D 129 -27.59 -10.89 33.88
C ARG D 129 -26.75 -11.24 32.65
N VAL D 130 -26.91 -10.46 31.58
CA VAL D 130 -26.07 -10.57 30.37
C VAL D 130 -24.58 -10.47 30.72
N THR D 131 -24.24 -9.43 31.48
CA THR D 131 -22.89 -9.16 31.99
C THR D 131 -22.34 -10.38 32.69
N GLU D 132 -23.16 -10.96 33.56
CA GLU D 132 -22.81 -12.13 34.31
C GLU D 132 -22.57 -13.34 33.43
N LYS D 133 -23.45 -13.58 32.46
CA LYS D 133 -23.21 -14.71 31.52
C LYS D 133 -21.90 -14.57 30.70
N ILE D 134 -21.57 -13.35 30.29
CA ILE D 134 -20.36 -13.12 29.53
C ILE D 134 -19.18 -13.40 30.45
N SER D 135 -19.26 -12.84 31.66
CA SER D 135 -18.26 -13.03 32.64
C SER D 135 -18.11 -14.54 33.02
N GLU D 136 -19.20 -15.29 33.01
CA GLU D 136 -19.15 -16.72 33.29
C GLU D 136 -18.41 -17.54 32.21
N ILE D 137 -18.66 -17.19 30.95
CA ILE D 137 -18.02 -17.85 29.81
C ILE D 137 -16.53 -17.57 29.81
N VAL D 138 -16.15 -16.30 30.00
CA VAL D 138 -14.77 -15.88 30.14
C VAL D 138 -14.08 -16.73 31.19
N ASP D 139 -14.72 -16.83 32.37
CA ASP D 139 -14.15 -17.62 33.46
C ASP D 139 -13.93 -19.08 33.08
N LYS D 140 -14.98 -19.70 32.55
CA LYS D 140 -14.88 -21.08 32.08
C LYS D 140 -13.88 -21.32 30.95
N ALA D 141 -13.85 -20.45 29.94
CA ALA D 141 -12.90 -20.62 28.86
C ALA D 141 -11.46 -20.45 29.39
N TYR D 142 -11.25 -19.48 30.28
CA TYR D 142 -9.95 -19.18 30.80
C TYR D 142 -9.38 -20.34 31.61
N ARG D 143 -10.25 -21.00 32.36
CA ARG D 143 -9.88 -22.14 33.18
C ARG D 143 -9.61 -23.36 32.32
N THR D 144 -10.43 -23.56 31.29
CA THR D 144 -10.11 -24.61 30.32
C THR D 144 -8.73 -24.43 29.69
N TYR D 145 -8.40 -23.21 29.33
CA TYR D 145 -7.13 -22.91 28.73
C TYR D 145 -6.00 -23.30 29.68
N LEU D 146 -6.07 -22.79 30.91
CA LEU D 146 -5.07 -23.07 31.95
C LEU D 146 -4.89 -24.55 32.22
N GLU D 147 -5.98 -25.29 32.24
CA GLU D 147 -5.91 -26.71 32.44
C GLU D 147 -5.25 -27.41 31.26
N LEU D 148 -5.59 -26.99 30.06
CA LEU D 148 -4.90 -27.49 28.89
C LEU D 148 -3.41 -27.29 28.96
N ILE D 149 -2.97 -26.09 29.34
CA ILE D 149 -1.56 -25.74 29.38
C ILE D 149 -0.88 -26.65 30.39
N GLU D 150 -1.54 -26.81 31.54
CA GLU D 150 -1.03 -27.64 32.60
C GLU D 150 -0.99 -29.09 32.19
N SER D 151 -1.88 -29.50 31.30
CA SER D 151 -1.78 -30.81 30.70
C SER D 151 -0.58 -31.02 29.78
N GLY D 152 0.09 -29.96 29.36
CA GLY D 152 1.15 -30.08 28.33
C GLY D 152 0.66 -29.75 26.91
N VAL D 153 -0.57 -29.26 26.76
CA VAL D 153 -1.01 -28.75 25.48
C VAL D 153 -0.25 -27.47 25.16
N PRO D 154 0.37 -27.39 23.96
CA PRO D 154 1.10 -26.14 23.66
C PRO D 154 0.15 -24.93 23.63
N ARG D 155 0.67 -23.75 24.00
CA ARG D 155 -0.07 -22.53 24.10
C ARG D 155 -0.83 -22.19 22.84
N GLU D 156 -0.17 -22.34 21.69
CA GLU D 156 -0.76 -22.02 20.38
C GLU D 156 -2.00 -22.86 20.09
N VAL D 157 -2.09 -24.02 20.71
CA VAL D 157 -3.30 -24.83 20.63
C VAL D 157 -4.28 -24.47 21.72
N ALA D 158 -3.80 -24.30 22.93
CA ALA D 158 -4.75 -24.13 24.05
C ALA D 158 -5.49 -22.81 23.98
N ARG D 159 -4.84 -21.77 23.47
CA ARG D 159 -5.45 -20.45 23.46
C ARG D 159 -6.66 -20.38 22.52
N ILE D 160 -6.92 -21.41 21.71
CA ILE D 160 -7.96 -21.29 20.71
C ILE D 160 -9.34 -21.28 21.36
N VAL D 161 -9.41 -21.68 22.64
CA VAL D 161 -10.71 -21.70 23.32
C VAL D 161 -11.04 -20.35 23.98
N LEU D 162 -10.09 -19.41 23.99
CA LEU D 162 -10.33 -18.13 24.62
C LEU D 162 -11.26 -17.25 23.77
N PRO D 163 -12.15 -16.48 24.41
CA PRO D 163 -13.14 -15.72 23.61
C PRO D 163 -12.61 -14.44 22.99
N LEU D 164 -13.41 -13.89 22.07
CA LEU D 164 -13.06 -12.69 21.33
C LEU D 164 -12.90 -11.44 22.19
N ASN D 165 -13.37 -11.48 23.44
CA ASN D 165 -13.19 -10.35 24.33
C ASN D 165 -11.85 -10.35 25.08
N LEU D 166 -10.98 -11.32 24.78
CA LEU D 166 -9.59 -11.31 25.35
C LEU D 166 -8.91 -9.99 24.96
N TYR D 167 -8.34 -9.28 25.94
CA TYR D 167 -7.46 -8.12 25.66
C TYR D 167 -6.13 -8.50 25.01
N THR D 168 -5.77 -7.76 23.97
CA THR D 168 -4.46 -7.89 23.37
C THR D 168 -3.85 -6.51 23.42
N ARG D 169 -2.53 -6.44 23.15
CA ARG D 169 -1.87 -5.14 23.01
C ARG D 169 -1.10 -5.04 21.70
N PHE D 170 -0.95 -3.82 21.21
CA PHE D 170 -0.19 -3.61 19.98
C PHE D 170 0.35 -2.20 19.91
N PHE D 171 1.36 -1.99 19.06
CA PHE D 171 1.88 -0.69 18.75
C PHE D 171 1.30 -0.40 17.37
N TRP D 172 0.84 0.82 17.16
CA TRP D 172 0.23 1.26 15.93
C TRP D 172 0.98 2.51 15.49
N THR D 173 1.64 2.48 14.35
CA THR D 173 2.27 3.67 13.80
C THR D 173 1.46 4.07 12.52
N VAL D 174 1.07 5.33 12.45
CA VAL D 174 0.12 5.76 11.41
C VAL D 174 0.33 7.25 11.13
N ASN D 175 0.29 7.63 9.87
CA ASN D 175 0.42 9.05 9.54
C ASN D 175 -0.97 9.76 9.68
N ALA D 176 -0.97 11.08 9.77
CA ALA D 176 -2.21 11.87 10.05
C ALA D 176 -3.29 11.63 8.98
N ARG D 177 -2.89 11.35 7.75
CA ARG D 177 -3.85 11.12 6.68
C ARG D 177 -4.64 9.81 6.89
N SER D 178 -3.87 8.78 7.14
CA SER D 178 -4.42 7.47 7.48
C SER D 178 -5.25 7.49 8.78
N LEU D 179 -4.77 8.25 9.76
CA LEU D 179 -5.49 8.46 11.00
C LEU D 179 -6.87 9.18 10.79
N MET D 180 -6.89 10.22 9.94
CA MET D 180 -8.16 10.80 9.47
C MET D 180 -9.09 9.78 8.85
N ASN D 181 -8.58 8.95 7.95
CA ASN D 181 -9.39 7.90 7.38
C ASN D 181 -9.95 6.95 8.43
N PHE D 182 -9.12 6.58 9.41
CA PHE D 182 -9.52 5.80 10.59
C PHE D 182 -10.68 6.48 11.34
N LEU D 183 -10.52 7.76 11.62
CA LEU D 183 -11.54 8.54 12.29
C LEU D 183 -12.87 8.63 11.50
N ASN D 184 -12.78 8.81 10.18
CA ASN D 184 -13.94 8.78 9.30
C ASN D 184 -14.80 7.56 9.44
N LEU D 185 -14.19 6.41 9.68
CA LEU D 185 -14.91 5.15 9.64
C LEU D 185 -15.14 4.60 11.06
N LYS D 186 -14.37 5.06 12.06
CA LYS D 186 -14.50 4.52 13.41
C LYS D 186 -15.19 5.51 14.35
N ALA D 187 -14.97 6.81 14.16
CA ALA D 187 -15.67 7.80 15.00
C ALA D 187 -17.00 8.10 14.30
N ASP D 188 -17.87 7.09 14.31
CA ASP D 188 -19.10 7.16 13.55
C ASP D 188 -20.10 6.16 14.15
N SER D 189 -21.33 6.63 14.34
CA SER D 189 -22.33 5.84 15.05
C SER D 189 -22.62 4.49 14.34
N HIS D 190 -22.28 4.36 13.06
CA HIS D 190 -22.38 3.04 12.37
C HIS D 190 -21.30 2.06 12.82
N ALA D 191 -20.24 2.56 13.43
CA ALA D 191 -19.15 1.69 13.92
C ALA D 191 -19.58 1.09 15.26
N GLN D 192 -18.98 -0.03 15.61
CA GLN D 192 -19.36 -0.67 16.86
C GLN D 192 -18.96 0.26 18.02
N TRP D 193 -19.86 0.38 19.01
CA TRP D 193 -19.67 1.34 20.08
C TRP D 193 -18.27 1.19 20.72
N GLU D 194 -17.83 -0.05 20.92
CA GLU D 194 -16.53 -0.30 21.57
C GLU D 194 -15.34 0.32 20.85
N ILE D 195 -15.32 0.27 19.51
CA ILE D 195 -14.23 0.93 18.80
C ILE D 195 -14.39 2.44 18.71
N GLN D 196 -15.64 2.92 18.70
CA GLN D 196 -15.87 4.37 18.70
C GLN D 196 -15.20 5.02 19.89
N GLN D 197 -15.26 4.34 21.04
CA GLN D 197 -14.59 4.76 22.28
C GLN D 197 -13.10 4.91 22.00
N TYR D 198 -12.50 3.93 21.30
CA TYR D 198 -11.05 3.98 21.02
C TYR D 198 -10.80 5.14 20.07
N ALA D 199 -11.66 5.28 19.05
CA ALA D 199 -11.54 6.40 18.08
C ALA D 199 -11.58 7.77 18.75
N LEU D 200 -12.45 7.94 19.74
CA LEU D 200 -12.55 9.19 20.51
C LEU D 200 -11.23 9.47 21.22
N ALA D 201 -10.65 8.45 21.82
CA ALA D 201 -9.33 8.61 22.43
C ALA D 201 -8.25 9.05 21.39
N ILE D 202 -8.14 8.33 20.27
CA ILE D 202 -7.28 8.73 19.17
C ILE D 202 -7.53 10.18 18.74
N ALA D 203 -8.81 10.57 18.55
CA ALA D 203 -9.09 11.95 18.12
C ALA D 203 -8.56 12.93 19.15
N ARG D 204 -8.80 12.63 20.42
CA ARG D 204 -8.34 13.52 21.50
C ARG D 204 -6.81 13.72 21.47
N ILE D 205 -6.05 12.63 21.28
CA ILE D 205 -4.58 12.74 21.16
C ILE D 205 -4.21 13.53 19.92
N PHE D 206 -4.82 13.18 18.80
CA PHE D 206 -4.63 13.88 17.54
C PHE D 206 -4.89 15.40 17.67
N LYS D 207 -5.99 15.76 18.35
CA LYS D 207 -6.30 17.18 18.58
C LYS D 207 -5.23 17.89 19.41
N GLU D 208 -4.79 17.26 20.49
CA GLU D 208 -3.68 17.75 21.30
C GLU D 208 -2.42 18.07 20.48
N LYS D 209 -2.07 17.20 19.55
CA LYS D 209 -0.80 17.37 18.83
C LYS D 209 -0.91 18.18 17.55
N CYS D 210 -2.09 18.18 16.93
CA CYS D 210 -2.26 18.82 15.65
C CYS D 210 -3.59 19.54 15.72
N PRO D 211 -3.68 20.56 16.60
CA PRO D 211 -4.90 21.36 16.77
C PRO D 211 -5.39 21.96 15.46
N TRP D 212 -4.51 22.50 14.62
CA TRP D 212 -4.98 23.13 13.38
C TRP D 212 -5.54 22.15 12.38
N THR D 213 -4.80 21.05 12.19
CA THR D 213 -5.25 20.01 11.31
C THR D 213 -6.54 19.38 11.84
N PHE D 214 -6.63 19.17 13.15
CA PHE D 214 -7.76 18.45 13.67
C PHE D 214 -9.04 19.30 13.48
N GLU D 215 -8.89 20.61 13.71
CA GLU D 215 -9.96 21.60 13.62
C GLU D 215 -10.44 21.71 12.18
N ALA D 216 -9.51 21.90 11.25
CA ALA D 216 -9.81 21.87 9.81
C ALA D 216 -10.44 20.55 9.35
N PHE D 217 -9.95 19.43 9.88
CA PHE D 217 -10.50 18.13 9.54
C PHE D 217 -12.01 18.10 9.87
N LEU D 218 -12.35 18.40 11.12
CA LEU D 218 -13.76 18.41 11.57
C LEU D 218 -14.64 19.30 10.71
N LYS D 219 -14.13 20.50 10.40
CA LYS D 219 -14.83 21.50 9.62
C LYS D 219 -15.05 21.10 8.18
N TYR D 220 -14.03 20.55 7.53
CA TYR D 220 -14.13 20.40 6.10
C TYR D 220 -14.17 18.99 5.60
N ALA D 221 -13.58 18.04 6.30
CA ALA D 221 -13.29 16.76 5.62
C ALA D 221 -13.79 15.52 6.37
N TYR D 222 -13.96 15.65 7.68
CA TYR D 222 -14.44 14.52 8.47
C TYR D 222 -15.87 14.06 8.09
N LYS D 223 -16.00 12.76 7.80
CA LYS D 223 -17.24 12.17 7.29
C LYS D 223 -18.16 11.55 8.34
N GLY D 224 -17.71 11.40 9.59
CA GLY D 224 -18.49 10.70 10.61
C GLY D 224 -19.42 11.65 11.35
N ASP D 225 -20.09 11.17 12.39
CA ASP D 225 -20.99 12.03 13.14
C ASP D 225 -20.58 12.36 14.58
N ILE D 226 -19.92 11.42 15.28
CA ILE D 226 -19.73 11.54 16.72
C ILE D 226 -18.73 12.57 17.24
N LEU D 227 -17.77 13.00 16.42
CA LEU D 227 -16.80 13.99 16.89
C LEU D 227 -17.39 15.40 16.77
N LYS D 228 -18.49 15.51 16.05
CA LYS D 228 -19.26 16.76 16.00
C LYS D 228 -20.15 16.86 17.23
N GLU D 229 -20.52 15.71 17.80
CA GLU D 229 -21.42 15.67 18.95
C GLU D 229 -20.68 15.66 20.30
N VAL D 230 -19.46 15.10 20.35
CA VAL D 230 -18.69 14.97 21.59
C VAL D 230 -17.41 15.80 21.46
OP3 DU E . -17.26 -9.54 13.09
P DU E . -17.07 -8.09 12.78
OP1 DU E . -18.32 -7.49 12.09
OP2 DU E . -16.65 -7.22 13.98
O5' DU E . -15.90 -7.96 11.69
C5' DU E . -15.64 -8.89 10.63
C4' DU E . -14.57 -8.32 9.68
O4' DU E . -14.97 -7.08 9.09
C3' DU E . -13.25 -8.04 10.42
O3' DU E . -12.21 -8.41 9.51
C2' DU E . -13.24 -6.55 10.67
C1' DU E . -14.17 -6.01 9.59
N1 DU E . -15.10 -5.09 10.20
C2 DU E . -14.73 -3.75 10.50
O2 DU E . -13.58 -3.36 10.19
N3 DU E . -15.62 -2.92 11.07
C4 DU E . -16.86 -3.36 11.36
O4 DU E . -17.73 -2.63 11.88
C5 DU E . -17.26 -4.66 11.07
C6 DU E . -16.35 -5.52 10.48
PA FDA F . 2.49 -7.23 4.21
O1A FDA F . 1.51 -7.68 3.06
O2A FDA F . 2.08 -6.38 5.35
O5B FDA F . 3.72 -6.52 3.43
C5B FDA F . 4.13 -7.07 2.19
C4B FDA F . 5.42 -6.36 1.83
O4B FDA F . 5.04 -5.00 1.70
C3B FDA F . 6.47 -6.43 2.95
O3B FDA F . 7.49 -7.32 2.56
C2B FDA F . 7.01 -5.02 3.09
O2B FDA F . 8.23 -4.88 2.35
C1B FDA F . 5.95 -4.14 2.42
N9A FDA F . 5.16 -3.20 3.26
C8A FDA F . 3.81 -3.14 3.31
N7A FDA F . 3.38 -2.16 4.13
C5A FDA F . 4.48 -1.54 4.63
C6A FDA F . 4.74 -0.47 5.50
N6A FDA F . 3.70 0.25 6.09
N1A FDA F . 6.05 -0.16 5.76
C2A FDA F . 7.10 -0.81 5.19
N3A FDA F . 6.93 -1.83 4.35
C4A FDA F . 5.66 -2.24 4.03
N1 FDA F . 3.57 -10.01 14.19
C2 FDA F . 3.45 -9.46 15.33
O2 FDA F . 2.99 -8.34 15.38
N3 FDA F . 3.78 -10.07 16.49
C4 FDA F . 4.30 -11.32 16.58
O4 FDA F . 4.59 -11.81 17.67
C4X FDA F . 4.51 -12.10 15.32
N5 FDA F . 5.06 -13.45 15.25
C5X FDA F . 5.19 -14.03 13.94
C6 FDA F . 5.75 -15.44 13.80
C7 FDA F . 5.87 -16.02 12.40
C7M FDA F . 6.43 -17.43 12.24
C8 FDA F . 5.42 -15.18 11.21
C8M FDA F . 5.50 -15.68 9.80
C9 FDA F . 4.94 -13.94 11.37
C9A FDA F . 4.77 -13.26 12.69
N10 FDA F . 4.29 -12.05 12.74
C10 FDA F . 4.11 -11.38 14.04
C1' FDA F . 3.85 -11.35 11.51
C2' FDA F . 4.78 -10.33 10.87
O2' FDA F . 5.28 -9.44 11.85
C3' FDA F . 3.99 -9.50 9.83
O3' FDA F . 2.94 -8.75 10.44
C4' FDA F . 3.31 -10.33 8.77
O4' FDA F . 4.16 -11.45 8.45
C5' FDA F . 3.04 -9.45 7.56
O5' FDA F . 4.19 -9.52 6.71
P FDA F . 4.58 -8.30 5.74
O1P FDA F . 4.59 -7.03 6.56
O2P FDA F . 5.81 -8.72 4.96
O3P FDA F . 3.33 -8.46 4.74
OP3 DU G . 15.67 5.55 -15.74
P DU G . 14.78 4.66 -16.63
OP1 DU G . 14.24 5.29 -17.86
OP2 DU G . 15.46 3.30 -16.82
O5' DU G . 13.40 4.46 -15.83
C5' DU G . 12.26 3.82 -16.45
C4' DU G . 11.15 3.50 -15.42
O4' DU G . 11.58 2.40 -14.63
C3' DU G . 10.85 4.60 -14.42
O3' DU G . 9.50 4.44 -13.97
C2' DU G . 11.81 4.34 -13.25
C1' DU G . 12.00 2.83 -13.33
N1 DU G . 13.41 2.53 -13.15
C2 DU G . 13.99 2.50 -11.86
O2 DU G . 13.27 2.69 -10.83
N3 DU G . 15.30 2.19 -11.75
C4 DU G . 16.08 1.97 -12.82
O4 DU G . 17.30 1.74 -12.68
C5 DU G . 15.54 1.99 -14.11
C6 DU G . 14.17 2.28 -14.23
PA FDA H . -2.60 6.74 -4.15
O1A FDA H . -2.91 5.52 -5.10
O2A FDA H . -1.20 7.18 -3.87
O5B FDA H . -3.39 6.46 -2.78
C5B FDA H . -4.81 6.26 -2.90
C4B FDA H . -5.57 6.17 -1.58
O4B FDA H . -4.82 5.36 -0.65
C3B FDA H . -5.82 7.52 -0.92
O3B FDA H . -7.24 7.75 -0.87
C2B FDA H . -5.21 7.42 0.48
O2B FDA H . -6.27 7.40 1.46
C1B FDA H . -4.52 6.07 0.56
N9A FDA H . -3.05 6.03 0.77
C8A FDA H . -2.20 5.37 -0.05
N7A FDA H . -0.94 5.43 0.40
C5A FDA H . -0.93 6.15 1.54
C6A FDA H . 0.06 6.58 2.47
N6A FDA H . 1.39 6.26 2.32
N1A FDA H . -0.33 7.30 3.57
C2A FDA H . -1.64 7.61 3.78
N3A FDA H . -2.64 7.25 2.93
C4A FDA H . -2.35 6.54 1.81
N1 FDA H . 1.44 16.32 -5.84
C2 FDA H . 2.46 17.03 -5.54
O2 FDA H . 3.35 16.54 -4.90
N3 FDA H . 2.63 18.32 -5.92
C4 FDA H . 1.72 19.00 -6.63
O4 FDA H . 1.94 20.16 -6.91
C4X FDA H . 0.46 18.32 -7.04
N5 FDA H . -0.59 18.94 -7.80
C5X FDA H . -1.75 18.13 -8.14
C6 FDA H . -2.89 18.75 -8.95
C7 FDA H . -4.07 17.85 -9.27
C7M FDA H . -5.25 18.40 -10.08
C8 FDA H . -4.06 16.42 -8.78
C8M FDA H . -5.22 15.53 -9.09
C9 FDA H . -3.05 15.90 -8.05
C9A FDA H . -1.83 16.66 -7.68
N10 FDA H . -0.89 16.11 -6.97
C10 FDA H . 0.31 16.87 -6.62
C1' FDA H . -0.95 14.70 -6.58
C2' FDA H . -1.42 14.37 -5.16
O2' FDA H . -0.65 15.08 -4.17
C3' FDA H . -1.25 12.86 -4.91
O3' FDA H . 0.13 12.50 -4.80
C4' FDA H . -1.80 11.98 -6.01
O4' FDA H . -3.12 12.43 -6.26
C5' FDA H . -1.87 10.53 -5.57
O5' FDA H . -3.16 10.45 -4.98
P FDA H . -3.54 9.42 -3.79
O1P FDA H . -2.43 9.47 -2.76
O2P FDA H . -5.00 9.68 -3.41
O3P FDA H . -3.48 8.03 -4.61
PA FDA I . 7.95 -0.25 -3.13
O1A FDA I . 8.19 0.81 -1.96
O2A FDA I . 7.13 -0.10 -4.37
O5B FDA I . 7.54 -1.60 -2.34
C5B FDA I . 8.10 -1.81 -1.03
C4B FDA I . 7.76 -3.22 -0.60
O4B FDA I . 6.32 -3.29 -0.55
C3B FDA I . 8.24 -4.23 -1.64
O3B FDA I . 9.39 -4.92 -1.11
C2B FDA I . 7.02 -5.10 -1.97
O2B FDA I . 7.14 -6.43 -1.43
C1B FDA I . 5.83 -4.42 -1.29
N9A FDA I . 4.73 -3.94 -2.16
C8A FDA I . 4.30 -2.66 -2.22
N7A FDA I . 3.26 -2.49 -3.07
C5A FDA I . 2.99 -3.71 -3.59
C6A FDA I . 2.05 -4.20 -4.51
N6A FDA I . 1.12 -3.36 -5.07
N1A FDA I . 2.08 -5.53 -4.76
C2A FDA I . 2.97 -6.39 -4.19
N3A FDA I . 3.90 -5.99 -3.29
C4A FDA I . 3.96 -4.68 -2.96
N1 FDA I . 11.01 -0.64 -13.23
C2 FDA I . 10.52 -0.69 -14.40
O2 FDA I . 9.36 -0.56 -14.53
N3 FDA I . 11.26 -0.83 -15.54
C4 FDA I . 12.58 -1.02 -15.55
O4 FDA I . 13.17 -1.19 -16.60
C4X FDA I . 13.31 -1.02 -14.24
N5 FDA I . 14.73 -1.20 -14.12
C5X FDA I . 15.26 -1.17 -12.76
C6 FDA I . 16.77 -1.34 -12.56
C7 FDA I . 17.29 -1.29 -11.15
C7M FDA I . 18.79 -1.46 -10.93
C8 FDA I . 16.32 -1.06 -10.00
C8M FDA I . 16.83 -1.00 -8.59
C9 FDA I . 14.98 -0.91 -10.22
C9A FDA I . 14.37 -0.94 -11.56
N10 FDA I . 13.08 -0.80 -11.69
C10 FDA I . 12.45 -0.81 -13.01
C1' FDA I . 12.22 -0.54 -10.52
C2' FDA I . 11.57 -1.73 -9.87
O2' FDA I . 10.82 -2.47 -10.84
C3' FDA I . 10.61 -1.22 -8.80
O3' FDA I . 9.67 -0.33 -9.37
C4' FDA I . 11.32 -0.41 -7.73
O4' FDA I . 12.55 -1.09 -7.42
C5' FDA I . 10.42 -0.25 -6.51
O5' FDA I . 10.56 -1.46 -5.76
P FDA I . 9.57 -2.01 -4.62
O1P FDA I . 8.29 -2.47 -5.29
O2P FDA I . 10.41 -2.97 -3.78
O3P FDA I . 9.38 -0.67 -3.75
OP3 DU J . 5.04 19.25 -12.55
P DU J . 3.62 18.76 -12.44
OP1 DU J . 3.00 18.08 -13.66
OP2 DU J . 2.69 19.79 -11.84
O5' DU J . 3.83 17.58 -11.36
C5' DU J . 4.46 17.80 -10.09
C4' DU J . 4.33 16.58 -9.16
O4' DU J . 2.98 16.38 -8.70
C3' DU J . 4.72 15.27 -9.79
O3' DU J . 5.24 14.48 -8.70
C2' DU J . 3.41 14.67 -10.27
C1' DU J . 2.36 15.23 -9.30
N1 DU J . 1.14 15.71 -9.98
C2 DU J . -0.07 14.96 -10.15
O2 DU J . -0.20 13.80 -9.70
N3 DU J . -1.11 15.54 -10.81
C4 DU J . -1.01 16.80 -11.31
O4 DU J . -1.92 17.37 -11.91
C5 DU J . 0.15 17.53 -11.15
C6 DU J . 1.21 16.95 -10.47
PA FDA K . -6.94 1.29 4.74
O1A FDA K . -6.01 1.94 5.85
O2A FDA K . -6.96 -0.16 4.34
O5B FDA K . -6.76 2.23 3.42
C5B FDA K . -6.93 3.66 3.47
C4B FDA K . -7.09 4.22 2.07
O4B FDA K . -6.10 3.61 1.23
C3B FDA K . -8.46 3.91 1.46
O3B FDA K . -9.19 5.14 1.32
C2B FDA K . -8.16 3.30 0.10
O2B FDA K . -8.28 4.28 -0.92
C1B FDA K . -6.69 3.00 0.06
N9A FDA K . -6.27 1.58 -0.16
C8A FDA K . -5.39 0.92 0.65
N7A FDA K . -5.12 -0.31 0.18
C5A FDA K . -5.82 -0.48 -0.96
C6A FDA K . -5.98 -1.53 -1.90
N6A FDA K . -5.33 -2.71 -1.74
N1A FDA K . -6.79 -1.34 -2.97
C2A FDA K . -7.44 -0.15 -3.17
N3A FDA K . -7.35 0.90 -2.31
C4A FDA K . -6.58 0.79 -1.19
N1 FDA K . -15.16 -5.11 6.20
C2 FDA K . -15.60 -6.25 5.88
O2 FDA K . -14.87 -6.95 5.29
N3 FDA K . -16.82 -6.77 6.17
C4 FDA K . -17.74 -6.08 6.82
O4 FDA K . -18.83 -6.55 7.04
C4X FDA K . -17.40 -4.68 7.26
N5 FDA K . -18.31 -3.82 7.95
C5X FDA K . -17.85 -2.51 8.31
C6 FDA K . -18.82 -1.61 9.07
C7 FDA K . -18.29 -0.24 9.45
C7M FDA K . -19.19 0.73 10.20
C8 FDA K . -16.89 0.15 9.07
C8M FDA K . -16.42 1.52 9.47
C9 FDA K . -16.05 -0.68 8.40
C9A FDA K . -16.43 -2.06 7.97
N10 FDA K . -15.62 -2.82 7.30
C10 FDA K . -16.02 -4.17 6.93
C1' FDA K . -14.24 -2.45 7.01
C2' FDA K . -13.86 -1.91 5.64
O2' FDA K . -14.33 -2.77 4.61
C3' FDA K . -12.33 -1.82 5.54
O3' FDA K . -11.66 -3.09 5.72
C4' FDA K . -11.73 -0.90 6.59
O4' FDA K . -12.62 0.17 6.79
C5' FDA K . -10.39 -0.38 6.12
O5' FDA K . -10.76 0.74 5.33
P FDA K . -9.76 1.39 4.25
O1P FDA K . -9.51 0.37 3.16
O2P FDA K . -10.31 2.78 3.97
O3P FDA K . -8.46 1.61 5.16
OP3 DU L . -1.29 -14.83 18.83
P DU L . -0.55 -15.11 17.56
OP1 DU L . -1.27 -16.11 16.69
OP2 DU L . 0.95 -15.45 17.78
O5' DU L . -0.49 -13.76 16.67
C5' DU L . -0.05 -12.50 17.18
C4' DU L . 0.04 -11.41 16.10
O4' DU L . 1.06 -11.80 15.17
C3' DU L . -1.26 -11.25 15.32
O3' DU L . -1.43 -9.89 14.87
C2' DU L . -1.04 -12.11 14.09
C1' DU L . 0.50 -12.10 13.90
N1 DU L . 1.03 -13.37 13.35
C2 DU L . 1.13 -13.46 11.92
O2 DU L . 0.81 -12.50 11.19
N3 DU L . 1.61 -14.57 11.33
C4 DU L . 1.98 -15.63 12.07
O4 DU L . 2.41 -16.61 11.41
C5 DU L . 1.89 -15.59 13.49
C6 DU L . 1.40 -14.43 14.12
#